data_5JJV
#
_entry.id   5JJV
#
_cell.length_a   86.380
_cell.length_b   115.220
_cell.length_c   235.200
_cell.angle_alpha   90.00
_cell.angle_beta   90.00
_cell.angle_gamma   90.00
#
_symmetry.space_group_name_H-M   'I 2 2 2'
#
loop_
_entity.id
_entity.type
_entity.pdbx_description
1 polymer 'Tyrosine recombinase XerH'
2 polymer "DNA (5'-D(*TP*AP*GP*TP*TP*AP*TP*GP*AP*AP*AP*AP*C)-3')"
3 polymer "DNA (5'-D(*TP*GP*CP*AP*GP*TP*TP*TP*TP*CP*AP*TP*AP*AP*CP*TP*A)-3')"
4 non-polymer GLYCEROL
5 non-polymer 'CHLORIDE ION'
6 water water
#
loop_
_entity_poly.entity_id
_entity_poly.type
_entity_poly.pdbx_seq_one_letter_code
_entity_poly.pdbx_strand_id
1 'polypeptide(L)'
;SMKHPLEELKDPTENLLLWIGRFLRYKCTSLSNSQVKDQNKVFECLNELNQACSSSQLEKVCKKARNAGLLGINTYALPL
LKFHEYFSKARLITERLAFNSLKNIDEVMLAEFLSVYTGGLSLATKKNYRIALLGLFSYIDKQNQDENEKSYIYNITLKN
ISGVNQSAGNKLPTHLNNEELEKFLESIDKIEMSAKVRARNRLLIKIIVFTGMRSNEALQLKIKDFTLENGCYTILIKGK
GDKYRAVMLKAFHIESLLKEWLIERELYPVKNDLLFCNQKGSALTQAYLYKQVERIINFAGLRREKNGAHMLRHSFATLL
YQKRHDLILVQEALGHASLNTSRIYTHFDKQRLEEAASIWEEN
;
A,B
2 'polydeoxyribonucleotide' (DT)(DA)(DG)(DT)(DT)(DA)(DT)(DG)(DA)(DA)(DA)(DA)(DC) C,E
3 'polydeoxyribonucleotide' (DT)(DG)(DC)(DA)(DG)(DT)(DT)(DT)(DT)(DC)(DA)(DT)(DA)(DA)(DC)(DT)(DA) D,F
#
# COMPACT_ATOMS: atom_id res chain seq x y z
N MET A 2 33.25 -19.89 -2.37
CA MET A 2 33.10 -20.92 -3.39
C MET A 2 31.63 -21.25 -3.62
N LYS A 3 31.34 -21.82 -4.79
CA LYS A 3 29.98 -22.18 -5.14
C LYS A 3 29.69 -23.64 -4.79
N HIS A 4 28.43 -23.92 -4.46
CA HIS A 4 28.01 -25.27 -4.10
C HIS A 4 26.93 -25.74 -5.08
N PRO A 5 26.84 -27.06 -5.28
CA PRO A 5 25.74 -27.59 -6.09
C PRO A 5 24.38 -27.19 -5.53
N LEU A 6 23.40 -26.96 -6.39
CA LEU A 6 22.07 -26.57 -5.94
C LEU A 6 21.47 -27.63 -5.02
N GLU A 7 21.66 -28.89 -5.39
CA GLU A 7 21.10 -30.00 -4.63
C GLU A 7 22.20 -30.92 -4.12
N GLU A 8 22.67 -30.64 -2.91
CA GLU A 8 23.74 -31.43 -2.29
C GLU A 8 23.19 -32.49 -1.35
N LEU A 9 21.95 -32.30 -0.90
CA LEU A 9 21.33 -33.22 0.05
C LEU A 9 20.18 -33.98 -0.56
N LYS A 10 19.84 -35.12 0.05
CA LYS A 10 18.73 -35.94 -0.42
C LYS A 10 17.40 -35.30 -0.03
N ASP A 11 17.42 -34.53 1.05
CA ASP A 11 16.22 -33.85 1.55
C ASP A 11 16.20 -32.40 1.10
N PRO A 12 15.23 -32.04 0.23
CA PRO A 12 15.09 -30.68 -0.28
C PRO A 12 14.78 -29.68 0.82
N THR A 13 14.12 -30.14 1.87
CA THR A 13 13.80 -29.31 3.03
C THR A 13 15.09 -28.87 3.74
N GLU A 14 15.95 -29.83 4.04
CA GLU A 14 17.23 -29.55 4.66
C GLU A 14 18.13 -28.76 3.72
N ASN A 15 18.01 -29.05 2.43
CA ASN A 15 18.79 -28.37 1.41
C ASN A 15 18.39 -26.90 1.29
N LEU A 16 17.10 -26.64 1.50
CA LEU A 16 16.59 -25.27 1.54
C LEU A 16 17.11 -24.55 2.77
N LEU A 17 17.06 -25.24 3.90
CA LEU A 17 17.58 -24.72 5.16
C LEU A 17 19.06 -24.41 5.02
N LEU A 18 19.76 -25.24 4.24
CA LEU A 18 21.18 -25.06 3.98
C LEU A 18 21.47 -23.76 3.25
N TRP A 19 20.69 -23.46 2.22
CA TRP A 19 20.88 -22.23 1.44
C TRP A 19 20.49 -20.99 2.23
N ILE A 20 19.46 -21.12 3.07
CA ILE A 20 19.01 -20.01 3.89
C ILE A 20 20.09 -19.61 4.90
N GLY A 21 20.70 -20.61 5.52
CA GLY A 21 21.79 -20.38 6.47
C GLY A 21 22.96 -19.69 5.83
N ARG A 22 23.26 -20.06 4.59
CA ARG A 22 24.32 -19.42 3.82
C ARG A 22 23.99 -17.96 3.53
N PHE A 23 22.76 -17.72 3.09
CA PHE A 23 22.30 -16.39 2.75
C PHE A 23 22.28 -15.47 3.97
N LEU A 24 21.81 -16.00 5.10
CA LEU A 24 21.76 -15.23 6.33
C LEU A 24 23.15 -14.87 6.82
N ARG A 25 24.08 -15.82 6.70
CA ARG A 25 25.46 -15.58 7.10
C ARG A 25 26.10 -14.55 6.16
N TYR A 26 25.74 -14.62 4.89
CA TYR A 26 26.24 -13.68 3.89
C TYR A 26 25.76 -12.27 4.20
N LYS A 27 24.50 -12.15 4.61
CA LYS A 27 23.94 -10.85 4.95
C LYS A 27 24.55 -10.31 6.24
N CYS A 28 24.82 -11.19 7.19
CA CYS A 28 25.42 -10.79 8.46
C CYS A 28 26.79 -10.15 8.26
N THR A 29 27.43 -10.47 7.15
CA THR A 29 28.75 -9.92 6.85
C THR A 29 28.65 -8.64 6.04
N SER A 30 27.54 -8.44 5.35
CA SER A 30 27.36 -7.28 4.49
C SER A 30 26.54 -6.18 5.17
N LEU A 31 25.60 -6.57 6.01
CA LEU A 31 24.73 -5.61 6.69
C LEU A 31 25.51 -4.77 7.70
N SER A 32 25.00 -3.57 7.98
CA SER A 32 25.68 -2.62 8.85
C SER A 32 25.79 -3.11 10.29
N ASN A 33 26.97 -2.97 10.86
CA ASN A 33 27.22 -3.37 12.24
C ASN A 33 27.56 -2.18 13.13
N SER A 34 27.01 -1.02 12.78
CA SER A 34 27.28 0.21 13.52
C SER A 34 26.62 0.20 14.89
N GLN A 35 25.53 -0.54 15.03
CA GLN A 35 24.80 -0.61 16.29
C GLN A 35 25.30 -1.75 17.17
N VAL A 36 26.30 -2.48 16.67
CA VAL A 36 26.87 -3.61 17.40
C VAL A 36 27.77 -3.14 18.53
N LYS A 37 27.40 -3.48 19.76
CA LYS A 37 28.18 -3.11 20.93
C LYS A 37 29.38 -4.03 21.12
N ASP A 38 29.18 -5.32 20.87
CA ASP A 38 30.24 -6.30 21.04
C ASP A 38 30.42 -7.13 19.76
N GLN A 39 31.49 -6.85 19.02
CA GLN A 39 31.76 -7.50 17.75
C GLN A 39 32.05 -8.99 17.93
N ASN A 40 32.46 -9.37 19.13
CA ASN A 40 32.76 -10.77 19.42
C ASN A 40 31.51 -11.65 19.32
N LYS A 41 30.38 -11.11 19.79
CA LYS A 41 29.11 -11.82 19.73
C LYS A 41 28.69 -12.07 18.29
N VAL A 42 28.92 -11.08 17.44
CA VAL A 42 28.61 -11.20 16.02
C VAL A 42 29.53 -12.23 15.36
N PHE A 43 30.80 -12.21 15.75
CA PHE A 43 31.77 -13.18 15.26
C PHE A 43 31.36 -14.59 15.62
N GLU A 44 30.76 -14.74 16.80
CA GLU A 44 30.24 -16.03 17.24
C GLU A 44 29.06 -16.45 16.39
N CYS A 45 28.16 -15.50 16.10
CA CYS A 45 26.98 -15.77 15.29
C CYS A 45 27.36 -16.21 13.88
N LEU A 46 28.49 -15.71 13.38
CA LEU A 46 28.94 -16.00 12.03
C LEU A 46 29.20 -17.49 11.81
N ASN A 47 29.98 -18.10 12.69
CA ASN A 47 30.30 -19.52 12.56
C ASN A 47 29.15 -20.41 13.04
N GLU A 48 28.30 -19.86 13.90
CA GLU A 48 27.13 -20.59 14.39
C GLU A 48 26.12 -20.81 13.26
N LEU A 49 26.15 -19.93 12.28
CA LEU A 49 25.26 -20.05 11.11
C LEU A 49 25.77 -21.12 10.16
N ASN A 50 27.03 -21.52 10.33
CA ASN A 50 27.60 -22.61 9.57
C ASN A 50 27.24 -23.97 10.17
N GLN A 51 27.33 -24.04 11.49
CA GLN A 51 27.08 -25.30 12.20
C GLN A 51 25.60 -25.50 12.51
N ALA A 52 24.77 -24.55 12.09
CA ALA A 52 23.33 -24.66 12.30
C ALA A 52 22.71 -25.64 11.31
N CYS A 53 21.97 -26.62 11.84
CA CYS A 53 21.36 -27.64 10.99
C CYS A 53 19.86 -27.74 11.21
N SER A 54 19.25 -26.65 11.67
CA SER A 54 17.80 -26.62 11.88
C SER A 54 17.25 -25.19 11.87
N SER A 55 15.94 -25.09 11.71
CA SER A 55 15.27 -23.79 11.65
C SER A 55 15.33 -23.07 12.99
N SER A 56 15.19 -23.83 14.07
CA SER A 56 15.23 -23.27 15.42
C SER A 56 16.59 -22.64 15.72
N GLN A 57 17.65 -23.27 15.22
CA GLN A 57 19.00 -22.78 15.45
C GLN A 57 19.26 -21.48 14.69
N LEU A 58 18.79 -21.42 13.44
CA LEU A 58 18.94 -20.21 12.63
C LEU A 58 18.23 -19.03 13.27
N GLU A 59 17.01 -19.28 13.73
CA GLU A 59 16.21 -18.25 14.40
C GLU A 59 16.90 -17.79 15.68
N LYS A 60 17.41 -18.74 16.44
CA LYS A 60 18.07 -18.46 17.72
C LYS A 60 19.29 -17.58 17.52
N VAL A 61 20.11 -17.92 16.53
CA VAL A 61 21.33 -17.17 16.24
C VAL A 61 21.03 -15.76 15.73
N CYS A 62 20.06 -15.67 14.82
CA CYS A 62 19.69 -14.37 14.23
C CYS A 62 19.12 -13.42 15.28
N LYS A 63 18.36 -13.96 16.22
CA LYS A 63 17.87 -13.16 17.34
C LYS A 63 19.03 -12.67 18.18
N LYS A 64 19.98 -13.57 18.43
CA LYS A 64 21.20 -13.24 19.17
C LYS A 64 21.98 -12.12 18.47
N ALA A 65 22.09 -12.22 17.15
CA ALA A 65 22.81 -11.24 16.36
C ALA A 65 22.11 -9.89 16.37
N ARG A 66 20.78 -9.91 16.28
CA ARG A 66 20.00 -8.68 16.29
C ARG A 66 20.11 -7.98 17.64
N ASN A 67 19.99 -8.75 18.71
CA ASN A 67 20.07 -8.23 20.06
C ASN A 67 21.46 -7.71 20.39
N ALA A 68 22.44 -8.11 19.59
CA ALA A 68 23.83 -7.66 19.79
C ALA A 68 24.07 -6.33 19.10
N GLY A 69 23.22 -5.98 18.14
CA GLY A 69 23.34 -4.72 17.44
C GLY A 69 23.29 -4.84 15.94
N LEU A 70 23.22 -6.07 15.44
CA LEU A 70 23.09 -6.31 14.00
C LEU A 70 21.60 -6.32 13.63
N LEU A 71 21.00 -5.13 13.67
CA LEU A 71 19.54 -5.00 13.57
C LEU A 71 18.96 -5.48 12.25
N GLY A 72 19.68 -5.24 11.16
CA GLY A 72 19.17 -5.52 9.83
C GLY A 72 18.81 -6.96 9.54
N ILE A 73 19.32 -7.88 10.36
CA ILE A 73 19.12 -9.31 10.13
C ILE A 73 17.67 -9.75 10.36
N ASN A 74 16.91 -8.93 11.09
CA ASN A 74 15.53 -9.27 11.42
C ASN A 74 14.61 -9.25 10.20
N THR A 75 14.97 -8.44 9.21
CA THR A 75 14.14 -8.28 8.01
C THR A 75 14.26 -9.50 7.10
N TYR A 76 15.34 -10.26 7.26
CA TYR A 76 15.59 -11.42 6.41
C TYR A 76 15.26 -12.73 7.11
N ALA A 77 15.62 -12.83 8.39
CA ALA A 77 15.54 -14.09 9.12
C ALA A 77 14.13 -14.66 9.20
N LEU A 78 13.24 -13.94 9.88
CA LEU A 78 11.88 -14.42 10.11
C LEU A 78 11.09 -14.76 8.84
N PRO A 79 11.12 -13.89 7.81
CA PRO A 79 10.34 -14.25 6.62
C PRO A 79 10.82 -15.53 5.92
N LEU A 80 12.14 -15.70 5.82
CA LEU A 80 12.69 -16.86 5.13
C LEU A 80 12.43 -18.16 5.90
N LEU A 81 12.50 -18.10 7.21
CA LEU A 81 12.24 -19.26 8.05
C LEU A 81 10.77 -19.63 8.02
N LYS A 82 9.92 -18.63 7.74
CA LYS A 82 8.50 -18.89 7.55
C LYS A 82 8.27 -19.60 6.23
N PHE A 83 9.15 -19.32 5.26
CA PHE A 83 9.06 -19.97 3.95
C PHE A 83 9.52 -21.43 4.05
N HIS A 84 10.55 -21.66 4.86
CA HIS A 84 11.04 -23.01 5.09
C HIS A 84 9.96 -23.86 5.75
N GLU A 85 9.20 -23.24 6.65
CA GLU A 85 8.07 -23.91 7.30
C GLU A 85 7.00 -24.24 6.27
N TYR A 86 6.76 -23.30 5.35
CA TYR A 86 5.79 -23.50 4.28
C TYR A 86 6.24 -24.61 3.34
N PHE A 87 7.53 -24.67 3.07
CA PHE A 87 8.09 -25.64 2.14
C PHE A 87 8.18 -27.03 2.78
N SER A 88 8.40 -27.07 4.09
CA SER A 88 8.55 -28.33 4.80
C SER A 88 7.20 -29.01 5.03
N LYS A 89 6.21 -28.23 5.42
CA LYS A 89 4.87 -28.75 5.67
C LYS A 89 4.24 -29.29 4.39
N ALA A 90 4.22 -28.45 3.36
CA ALA A 90 3.65 -28.84 2.07
C ALA A 90 4.41 -28.20 0.91
N PHE A 99 6.89 -31.69 -4.77
CA PHE A 99 7.75 -30.99 -3.82
C PHE A 99 9.05 -31.75 -3.58
N ASN A 100 9.41 -32.60 -4.54
CA ASN A 100 10.60 -33.43 -4.42
C ASN A 100 11.90 -32.63 -4.52
N SER A 101 11.87 -31.53 -5.26
CA SER A 101 13.09 -30.78 -5.54
C SER A 101 12.96 -29.28 -5.28
N LEU A 102 14.11 -28.62 -5.18
CA LEU A 102 14.16 -27.17 -5.03
C LEU A 102 13.79 -26.49 -6.34
N LYS A 103 13.87 -27.24 -7.43
CA LYS A 103 13.56 -26.72 -8.75
C LYS A 103 12.06 -26.46 -8.92
N ASN A 104 11.26 -27.10 -8.07
CA ASN A 104 9.81 -26.90 -8.11
C ASN A 104 9.41 -25.49 -7.67
N ILE A 105 10.31 -24.82 -6.96
CA ILE A 105 10.05 -23.47 -6.47
C ILE A 105 10.05 -22.46 -7.61
N ASP A 106 8.86 -21.94 -7.93
CA ASP A 106 8.73 -20.86 -8.89
C ASP A 106 7.96 -19.70 -8.27
N GLU A 107 7.68 -18.68 -9.07
CA GLU A 107 6.99 -17.49 -8.56
C GLU A 107 5.53 -17.80 -8.25
N VAL A 108 5.00 -18.87 -8.81
CA VAL A 108 3.63 -19.28 -8.55
C VAL A 108 3.52 -19.88 -7.14
N MET A 109 4.52 -20.66 -6.74
CA MET A 109 4.57 -21.20 -5.40
C MET A 109 4.78 -20.08 -4.39
N LEU A 110 5.65 -19.13 -4.73
CA LEU A 110 5.94 -17.99 -3.86
C LEU A 110 4.72 -17.09 -3.66
N ALA A 111 3.89 -17.00 -4.69
CA ALA A 111 2.66 -16.23 -4.61
C ALA A 111 1.71 -16.86 -3.59
N GLU A 112 1.65 -18.19 -3.60
CA GLU A 112 0.82 -18.93 -2.65
C GLU A 112 1.34 -18.74 -1.23
N PHE A 113 2.67 -18.72 -1.08
CA PHE A 113 3.27 -18.53 0.23
C PHE A 113 2.98 -17.14 0.80
N LEU A 114 3.12 -16.12 -0.05
CA LEU A 114 2.87 -14.75 0.38
C LEU A 114 1.42 -14.55 0.80
N SER A 115 0.50 -15.16 0.07
CA SER A 115 -0.92 -15.04 0.37
C SER A 115 -1.27 -15.65 1.72
N VAL A 116 -0.73 -16.83 1.99
CA VAL A 116 -1.04 -17.58 3.20
C VAL A 116 -0.40 -16.96 4.44
N TYR A 117 0.85 -16.52 4.31
CA TYR A 117 1.62 -16.07 5.47
C TYR A 117 1.56 -14.56 5.73
N THR A 118 1.30 -13.76 4.70
CA THR A 118 1.27 -12.32 4.87
C THR A 118 -0.12 -11.73 4.60
N GLY A 119 -1.11 -12.60 4.45
CA GLY A 119 -2.46 -12.17 4.13
C GLY A 119 -3.07 -11.23 5.15
N GLY A 120 -2.79 -11.49 6.42
CA GLY A 120 -3.33 -10.67 7.49
C GLY A 120 -2.34 -9.64 7.98
N LEU A 121 -1.28 -9.43 7.21
CA LEU A 121 -0.24 -8.47 7.58
C LEU A 121 -0.28 -7.24 6.67
N SER A 122 0.36 -6.17 7.09
CA SER A 122 0.38 -4.93 6.34
C SER A 122 1.08 -5.10 5.00
N LEU A 123 0.78 -4.22 4.05
CA LEU A 123 1.39 -4.28 2.73
C LEU A 123 2.89 -4.02 2.81
N ALA A 124 3.30 -3.20 3.77
CA ALA A 124 4.71 -2.92 3.99
C ALA A 124 5.44 -4.17 4.45
N THR A 125 4.78 -4.96 5.28
CA THR A 125 5.35 -6.22 5.76
C THR A 125 5.43 -7.23 4.63
N LYS A 126 4.40 -7.24 3.78
CA LYS A 126 4.39 -8.08 2.58
C LYS A 126 5.62 -7.83 1.73
N LYS A 127 5.93 -6.55 1.53
CA LYS A 127 7.08 -6.15 0.73
C LYS A 127 8.39 -6.67 1.34
N ASN A 128 8.48 -6.61 2.67
CA ASN A 128 9.66 -7.12 3.36
C ASN A 128 9.85 -8.62 3.14
N TYR A 129 8.75 -9.36 3.12
CA TYR A 129 8.79 -10.79 2.83
C TYR A 129 9.24 -11.03 1.40
N ARG A 130 8.69 -10.26 0.46
CA ARG A 130 9.04 -10.39 -0.94
C ARG A 130 10.51 -10.05 -1.20
N ILE A 131 10.97 -8.94 -0.61
CA ILE A 131 12.36 -8.53 -0.75
C ILE A 131 13.30 -9.59 -0.20
N ALA A 132 12.92 -10.20 0.92
CA ALA A 132 13.72 -11.25 1.53
C ALA A 132 13.83 -12.45 0.60
N LEU A 133 12.71 -12.80 -0.03
CA LEU A 133 12.66 -13.91 -0.97
C LEU A 133 13.53 -13.62 -2.20
N LEU A 134 13.41 -12.40 -2.72
CA LEU A 134 14.18 -11.97 -3.87
C LEU A 134 15.67 -12.10 -3.62
N GLY A 135 16.10 -11.69 -2.44
CA GLY A 135 17.50 -11.76 -2.06
C GLY A 135 18.01 -13.19 -1.96
N LEU A 136 17.21 -14.06 -1.34
CA LEU A 136 17.59 -15.45 -1.15
C LEU A 136 17.82 -16.18 -2.48
N PHE A 137 16.84 -16.11 -3.37
CA PHE A 137 16.91 -16.86 -4.62
C PHE A 137 17.83 -16.19 -5.64
N SER A 138 18.12 -14.91 -5.45
CA SER A 138 19.13 -14.24 -6.26
C SER A 138 20.51 -14.70 -5.79
N TYR A 139 20.64 -14.87 -4.48
CA TYR A 139 21.87 -15.36 -3.88
C TYR A 139 22.14 -16.80 -4.33
N ILE A 140 21.09 -17.61 -4.38
CA ILE A 140 21.19 -18.99 -4.81
C ILE A 140 21.62 -19.06 -6.27
N ASP A 141 21.07 -18.16 -7.09
CA ASP A 141 21.38 -18.13 -8.51
C ASP A 141 22.84 -17.80 -8.80
N LYS A 142 23.48 -17.07 -7.89
CA LYS A 142 24.86 -16.65 -8.09
C LYS A 142 25.86 -17.56 -7.39
N GLN A 143 25.37 -18.44 -6.53
CA GLN A 143 26.26 -19.26 -5.70
C GLN A 143 26.11 -20.76 -5.94
N ASN A 144 25.27 -21.14 -6.91
CA ASN A 144 25.08 -22.56 -7.17
C ASN A 144 25.77 -23.02 -8.45
N GLN A 145 26.35 -24.21 -8.39
CA GLN A 145 27.06 -24.83 -9.51
C GLN A 145 27.41 -26.28 -9.17
N ASP A 146 26.95 -27.21 -10.00
CA ASP A 146 27.17 -28.62 -9.72
C ASP A 146 28.55 -29.10 -10.16
N GLU A 147 28.74 -30.42 -10.11
CA GLU A 147 30.01 -31.03 -10.52
C GLU A 147 30.19 -30.94 -12.04
N ASN A 148 29.09 -30.75 -12.76
CA ASN A 148 29.13 -30.65 -14.20
C ASN A 148 29.31 -29.20 -14.65
N GLU A 149 29.69 -28.34 -13.72
CA GLU A 149 29.86 -26.91 -13.97
C GLU A 149 28.62 -26.28 -14.59
N LYS A 150 27.45 -26.77 -14.19
CA LYS A 150 26.19 -26.24 -14.67
C LYS A 150 25.38 -25.66 -13.51
N SER A 151 24.85 -24.45 -13.70
CA SER A 151 24.11 -23.77 -12.66
C SER A 151 22.62 -23.68 -12.97
N TYR A 152 21.79 -23.81 -11.94
CA TYR A 152 20.36 -23.62 -12.08
C TYR A 152 20.01 -22.18 -11.73
N ILE A 153 19.22 -21.54 -12.58
CA ILE A 153 18.87 -20.13 -12.39
C ILE A 153 17.37 -19.94 -12.19
N TYR A 154 16.98 -19.57 -10.97
CA TYR A 154 15.60 -19.29 -10.66
C TYR A 154 15.12 -18.04 -11.39
N ASN A 155 15.93 -16.98 -11.32
CA ASN A 155 15.60 -15.69 -11.90
C ASN A 155 14.22 -15.20 -11.44
N ILE A 156 14.01 -15.23 -10.14
CA ILE A 156 12.74 -14.83 -9.54
C ILE A 156 12.68 -13.32 -9.35
N THR A 157 11.61 -12.71 -9.84
CA THR A 157 11.44 -11.26 -9.77
C THR A 157 10.18 -10.86 -9.02
N LEU A 158 9.17 -11.73 -9.08
CA LEU A 158 7.89 -11.52 -8.37
C LEU A 158 7.24 -10.18 -8.73
N LYS A 159 7.00 -9.96 -10.02
CA LYS A 159 6.42 -8.71 -10.49
C LYS A 159 4.90 -8.73 -10.49
N ASN A 160 4.32 -9.92 -10.51
CA ASN A 160 2.88 -10.07 -10.64
C ASN A 160 2.14 -10.13 -9.30
N ILE A 161 2.84 -9.79 -8.23
CA ILE A 161 2.23 -9.79 -6.89
C ILE A 161 1.64 -8.42 -6.58
N SER A 162 0.47 -8.40 -5.96
CA SER A 162 -0.22 -7.16 -5.64
C SER A 162 0.43 -6.39 -4.50
N GLY A 163 0.43 -5.06 -4.62
CA GLY A 163 0.93 -4.19 -3.56
C GLY A 163 2.40 -4.35 -3.26
N VAL A 164 3.23 -4.44 -4.30
CA VAL A 164 4.65 -4.64 -4.11
C VAL A 164 5.46 -3.44 -4.57
N ASN A 165 4.92 -2.71 -5.54
CA ASN A 165 5.58 -1.53 -6.08
C ASN A 165 5.35 -0.32 -5.18
N GLN A 166 6.00 0.80 -5.53
CA GLN A 166 5.74 2.05 -4.84
C GLN A 166 4.31 2.50 -5.15
N SER A 167 3.83 3.47 -4.39
CA SER A 167 2.46 3.99 -4.50
C SER A 167 1.40 2.95 -4.10
N ALA A 168 1.83 1.74 -3.79
CA ALA A 168 0.93 0.67 -3.36
C ALA A 168 1.10 0.41 -1.87
N GLY A 169 0.15 0.91 -1.07
CA GLY A 169 0.25 0.81 0.38
C GLY A 169 1.21 1.86 0.92
N ASN A 170 1.50 2.86 0.10
CA ASN A 170 2.38 3.96 0.49
C ASN A 170 1.69 4.90 1.46
N LYS A 171 1.36 4.37 2.63
CA LYS A 171 0.63 5.13 3.65
C LYS A 171 1.31 6.46 3.95
N LEU A 172 0.61 7.55 3.66
CA LEU A 172 1.10 8.89 4.01
C LEU A 172 1.38 8.94 5.50
N PRO A 173 2.57 9.42 5.86
CA PRO A 173 3.05 9.40 7.26
C PRO A 173 2.11 10.13 8.22
N THR A 174 1.68 9.42 9.26
CA THR A 174 0.86 10.01 10.31
C THR A 174 1.66 11.10 11.01
N HIS A 175 1.00 12.23 11.31
CA HIS A 175 1.68 13.37 11.88
C HIS A 175 0.71 14.35 12.53
N LEU A 176 1.28 15.41 13.12
CA LEU A 176 0.49 16.49 13.68
C LEU A 176 0.61 17.74 12.81
N ASN A 177 -0.47 18.51 12.71
CA ASN A 177 -0.39 19.78 12.00
C ASN A 177 0.12 20.88 12.94
N ASN A 178 0.01 22.13 12.51
CA ASN A 178 0.53 23.25 13.27
C ASN A 178 -0.14 23.37 14.65
N GLU A 179 -1.47 23.37 14.67
CA GLU A 179 -2.22 23.49 15.92
C GLU A 179 -1.96 22.33 16.86
N GLU A 180 -1.94 21.12 16.32
CA GLU A 180 -1.72 19.93 17.13
C GLU A 180 -0.32 19.91 17.73
N LEU A 181 0.66 20.43 16.99
CA LEU A 181 2.03 20.52 17.46
C LEU A 181 2.15 21.44 18.67
N GLU A 182 1.52 22.60 18.59
CA GLU A 182 1.53 23.57 19.69
C GLU A 182 0.90 22.97 20.94
N LYS A 183 -0.20 22.25 20.76
CA LYS A 183 -0.87 21.62 21.90
C LYS A 183 0.01 20.54 22.52
N PHE A 184 0.80 19.87 21.69
CA PHE A 184 1.74 18.87 22.17
C PHE A 184 2.86 19.52 22.96
N LEU A 185 3.40 20.62 22.43
CA LEU A 185 4.45 21.36 23.11
C LEU A 185 4.01 21.83 24.49
N GLU A 186 2.79 22.34 24.58
CA GLU A 186 2.22 22.79 25.85
C GLU A 186 2.03 21.61 26.80
N SER A 187 1.66 20.47 26.23
CA SER A 187 1.37 19.27 27.03
C SER A 187 2.62 18.70 27.69
N ILE A 188 3.77 18.93 27.06
CA ILE A 188 5.05 18.49 27.61
C ILE A 188 5.30 19.14 28.96
N ASP A 189 5.01 20.44 29.04
CA ASP A 189 5.23 21.19 30.27
C ASP A 189 4.06 21.04 31.24
N LYS A 190 2.91 20.62 30.72
CA LYS A 190 1.70 20.54 31.53
C LYS A 190 1.52 19.17 32.19
N ILE A 191 1.98 18.12 31.53
CA ILE A 191 1.87 16.78 32.08
C ILE A 191 2.80 16.64 33.29
N GLU A 192 2.43 15.77 34.23
CA GLU A 192 3.20 15.60 35.45
C GLU A 192 4.35 14.62 35.25
N MET A 193 5.52 14.99 35.76
CA MET A 193 6.70 14.13 35.72
C MET A 193 7.44 14.23 37.04
N SER A 194 8.11 13.16 37.44
CA SER A 194 8.88 13.18 38.68
C SER A 194 10.05 14.14 38.54
N ALA A 195 10.51 14.67 39.67
CA ALA A 195 11.58 15.65 39.69
C ALA A 195 12.90 15.08 39.16
N LYS A 196 13.02 13.76 39.22
CA LYS A 196 14.25 13.09 38.83
C LYS A 196 14.39 12.97 37.31
N VAL A 197 13.28 13.05 36.58
CA VAL A 197 13.31 12.84 35.13
C VAL A 197 12.67 13.96 34.31
N ARG A 198 12.03 14.92 34.98
CA ARG A 198 11.26 15.93 34.27
C ARG A 198 12.13 16.82 33.37
N ALA A 199 13.22 17.34 33.91
CA ALA A 199 14.10 18.23 33.16
C ALA A 199 14.72 17.52 31.96
N ARG A 200 15.20 16.30 32.18
CA ARG A 200 15.85 15.53 31.11
C ARG A 200 14.87 15.16 30.01
N ASN A 201 13.73 14.61 30.39
CA ASN A 201 12.77 14.09 29.41
C ASN A 201 12.15 15.20 28.57
N ARG A 202 11.77 16.30 29.20
CA ARG A 202 11.19 17.43 28.49
C ARG A 202 12.18 18.00 27.47
N LEU A 203 13.44 18.10 27.88
CA LEU A 203 14.49 18.58 27.00
C LEU A 203 14.65 17.67 25.78
N LEU A 204 14.65 16.37 26.05
CA LEU A 204 14.82 15.37 25.00
C LEU A 204 13.71 15.43 23.95
N ILE A 205 12.46 15.49 24.41
CA ILE A 205 11.31 15.49 23.52
C ILE A 205 11.17 16.80 22.75
N LYS A 206 11.44 17.92 23.41
CA LYS A 206 11.37 19.23 22.76
C LYS A 206 12.42 19.37 21.66
N ILE A 207 13.60 18.83 21.90
CA ILE A 207 14.67 18.84 20.90
C ILE A 207 14.24 18.05 19.66
N ILE A 208 13.56 16.93 19.89
CA ILE A 208 13.04 16.13 18.79
C ILE A 208 11.97 16.88 18.01
N VAL A 209 11.05 17.51 18.73
CA VAL A 209 9.97 18.27 18.12
C VAL A 209 10.49 19.43 17.28
N PHE A 210 11.45 20.16 17.84
CA PHE A 210 11.95 21.38 17.21
C PHE A 210 12.94 21.12 16.08
N THR A 211 13.42 19.88 15.95
CA THR A 211 14.42 19.56 14.95
C THR A 211 14.00 18.45 13.99
N GLY A 212 13.03 17.64 14.39
CA GLY A 212 12.59 16.52 13.57
C GLY A 212 13.60 15.40 13.59
N MET A 213 14.45 15.43 14.62
CA MET A 213 15.52 14.45 14.80
C MET A 213 14.97 13.03 14.98
N ARG A 214 15.68 12.04 14.47
CA ARG A 214 15.29 10.64 14.67
C ARG A 214 15.53 10.23 16.12
N SER A 215 14.88 9.15 16.55
CA SER A 215 14.98 8.69 17.93
C SER A 215 16.41 8.41 18.36
N ASN A 216 17.08 7.52 17.63
CA ASN A 216 18.45 7.15 17.96
C ASN A 216 19.41 8.32 17.80
N GLU A 217 19.07 9.26 16.92
CA GLU A 217 19.87 10.45 16.74
C GLU A 217 19.87 11.29 18.01
N ALA A 218 18.68 11.49 18.57
CA ALA A 218 18.53 12.29 19.78
C ALA A 218 19.12 11.59 21.00
N LEU A 219 18.98 10.27 21.04
CA LEU A 219 19.45 9.49 22.19
C LEU A 219 20.97 9.43 22.27
N GLN A 220 21.63 9.61 21.13
CA GLN A 220 23.08 9.50 21.06
C GLN A 220 23.77 10.85 20.92
N LEU A 221 23.03 11.93 21.19
CA LEU A 221 23.58 13.28 21.08
C LEU A 221 24.74 13.50 22.04
N LYS A 222 25.77 14.19 21.55
CA LYS A 222 26.92 14.53 22.38
C LYS A 222 26.96 16.02 22.66
N ILE A 223 27.47 16.39 23.84
CA ILE A 223 27.53 17.78 24.25
C ILE A 223 28.52 18.59 23.41
N LYS A 224 29.64 17.97 23.07
CA LYS A 224 30.65 18.63 22.26
C LYS A 224 30.15 19.00 20.87
N ASP A 225 29.04 18.38 20.46
CA ASP A 225 28.46 18.63 19.14
C ASP A 225 27.50 19.81 19.19
N PHE A 226 27.30 20.38 20.37
CA PHE A 226 26.49 21.57 20.53
C PHE A 226 27.32 22.84 20.40
N THR A 227 26.93 23.70 19.48
CA THR A 227 27.58 25.00 19.31
C THR A 227 26.55 26.12 19.32
N LEU A 228 26.80 27.13 20.15
CA LEU A 228 25.89 28.27 20.27
C LEU A 228 26.48 29.52 19.65
N GLU A 229 25.77 30.08 18.67
CA GLU A 229 26.21 31.31 18.02
C GLU A 229 25.02 32.22 17.70
N ASN A 230 25.06 33.43 18.26
CA ASN A 230 24.02 34.43 18.05
C ASN A 230 22.62 33.92 18.36
N GLY A 231 22.47 33.28 19.51
CA GLY A 231 21.19 32.79 19.97
C GLY A 231 20.71 31.55 19.24
N CYS A 232 21.60 30.93 18.47
CA CYS A 232 21.22 29.77 17.68
C CYS A 232 22.15 28.58 17.93
N TYR A 233 21.56 27.45 18.27
CA TYR A 233 22.33 26.23 18.49
C TYR A 233 22.55 25.48 17.18
N THR A 234 23.79 25.11 16.91
CA THR A 234 24.08 24.16 15.84
C THR A 234 24.40 22.81 16.44
N ILE A 235 23.57 21.82 16.14
CA ILE A 235 23.75 20.48 16.70
C ILE A 235 24.24 19.51 15.64
N LEU A 236 25.41 18.92 15.88
CA LEU A 236 25.96 17.93 14.97
C LEU A 236 25.49 16.54 15.35
N ILE A 237 25.09 15.77 14.35
CA ILE A 237 24.58 14.42 14.56
C ILE A 237 25.44 13.41 13.80
N LYS A 238 26.09 12.52 14.53
CA LYS A 238 26.98 11.55 13.90
C LYS A 238 26.17 10.55 13.08
N GLY A 239 26.56 10.40 11.81
CA GLY A 239 25.89 9.49 10.91
C GLY A 239 26.69 8.23 10.66
N LYS A 240 26.75 7.82 9.40
CA LYS A 240 27.45 6.58 9.03
C LYS A 240 28.86 6.86 8.56
N GLY A 241 29.83 6.19 9.17
CA GLY A 241 31.22 6.26 8.76
C GLY A 241 31.87 7.61 9.02
N ASP A 242 31.86 8.03 10.28
CA ASP A 242 32.50 9.29 10.70
C ASP A 242 31.92 10.51 9.99
N LYS A 243 30.69 10.39 9.51
CA LYS A 243 30.02 11.50 8.83
C LYS A 243 29.07 12.20 9.79
N TYR A 244 29.02 13.53 9.71
CA TYR A 244 28.16 14.33 10.58
C TYR A 244 27.17 15.17 9.78
N ARG A 245 25.92 15.19 10.23
CA ARG A 245 24.94 16.12 9.68
C ARG A 245 24.58 17.14 10.76
N ALA A 246 24.05 18.27 10.34
CA ALA A 246 23.77 19.36 11.27
C ALA A 246 22.32 19.80 11.22
N VAL A 247 21.81 20.21 12.38
CA VAL A 247 20.50 20.86 12.47
C VAL A 247 20.68 22.12 13.31
N MET A 248 19.74 23.05 13.18
CA MET A 248 19.80 24.28 13.97
C MET A 248 18.55 24.45 14.82
N LEU A 249 18.71 25.14 15.94
CA LEU A 249 17.64 25.28 16.92
C LEU A 249 17.84 26.57 17.72
N LYS A 250 16.83 27.44 17.69
CA LYS A 250 16.88 28.69 18.46
C LYS A 250 17.03 28.37 19.94
N ALA A 251 17.92 29.11 20.60
CA ALA A 251 18.28 28.83 21.98
C ALA A 251 17.10 28.99 22.94
N PHE A 252 16.28 30.02 22.73
CA PHE A 252 15.22 30.37 23.65
C PHE A 252 14.18 29.26 23.83
N HIS A 253 14.19 28.30 22.92
CA HIS A 253 13.29 27.15 23.00
C HIS A 253 13.69 26.18 24.12
N ILE A 254 14.99 26.07 24.37
CA ILE A 254 15.51 25.07 25.29
C ILE A 254 16.50 25.62 26.30
N GLU A 255 16.80 26.91 26.20
CA GLU A 255 17.89 27.53 26.96
C GLU A 255 17.81 27.27 28.47
N SER A 256 16.70 27.66 29.08
CA SER A 256 16.53 27.49 30.52
C SER A 256 16.39 26.02 30.91
N LEU A 257 15.83 25.23 29.99
CA LEU A 257 15.62 23.81 30.25
C LEU A 257 16.92 23.03 30.11
N LEU A 258 17.78 23.47 29.18
CA LEU A 258 19.07 22.83 28.96
C LEU A 258 19.98 23.00 30.16
N LYS A 259 20.06 24.24 30.67
CA LYS A 259 20.90 24.55 31.82
C LYS A 259 20.47 23.76 33.05
N GLU A 260 19.16 23.60 33.21
CA GLU A 260 18.62 22.87 34.35
C GLU A 260 19.06 21.41 34.35
N TRP A 261 19.03 20.79 33.18
CA TRP A 261 19.40 19.38 33.06
C TRP A 261 20.91 19.18 33.21
N LEU A 262 21.68 20.09 32.62
CA LEU A 262 23.14 20.00 32.66
C LEU A 262 23.67 20.03 34.10
N ILE A 263 22.97 20.75 34.97
CA ILE A 263 23.32 20.79 36.39
C ILE A 263 23.01 19.45 37.05
N GLU A 264 21.82 18.92 36.78
CA GLU A 264 21.41 17.62 37.32
C GLU A 264 22.29 16.51 36.79
N ARG A 265 22.72 16.65 35.54
CA ARG A 265 23.53 15.66 34.85
C ARG A 265 24.85 15.39 35.56
N GLU A 266 25.33 16.39 36.29
CA GLU A 266 26.61 16.27 37.01
C GLU A 266 26.54 15.22 38.12
N LEU A 267 25.33 14.89 38.56
CA LEU A 267 25.13 13.88 39.59
C LEU A 267 24.98 12.49 38.99
N TYR A 268 25.05 12.42 37.66
CA TYR A 268 24.98 11.14 36.95
C TYR A 268 26.37 10.67 36.55
N PRO A 269 26.60 9.36 36.56
CA PRO A 269 27.86 8.79 36.08
C PRO A 269 27.88 8.67 34.56
N VAL A 270 27.72 9.79 33.87
CA VAL A 270 27.58 9.81 32.42
C VAL A 270 28.84 9.32 31.70
N LYS A 271 28.65 8.57 30.63
CA LYS A 271 29.77 8.05 29.84
C LYS A 271 29.75 8.58 28.41
N ASN A 272 30.92 8.66 27.80
CA ASN A 272 31.08 9.00 26.39
C ASN A 272 30.45 10.33 25.98
N ASP A 273 30.45 11.30 26.89
CA ASP A 273 29.98 12.65 26.60
C ASP A 273 28.53 12.68 26.13
N LEU A 274 27.70 11.79 26.67
CA LEU A 274 26.29 11.75 26.31
C LEU A 274 25.53 12.91 26.95
N LEU A 275 24.67 13.56 26.16
CA LEU A 275 23.82 14.62 26.68
C LEU A 275 22.74 14.02 27.57
N PHE A 276 22.07 12.99 27.05
CA PHE A 276 21.03 12.30 27.80
C PHE A 276 21.52 10.93 28.25
N CYS A 277 21.09 10.50 29.44
CA CYS A 277 21.50 9.21 29.97
C CYS A 277 20.58 8.73 31.08
N ASN A 278 20.59 7.43 31.32
CA ASN A 278 19.87 6.86 32.46
C ASN A 278 20.72 7.00 33.73
N GLN A 279 20.25 6.42 34.83
CA GLN A 279 20.94 6.56 36.10
C GLN A 279 22.29 5.83 36.10
N LYS A 280 22.45 4.86 35.20
CA LYS A 280 23.70 4.11 35.10
C LYS A 280 24.69 4.81 34.19
N GLY A 281 24.30 5.94 33.63
CA GLY A 281 25.17 6.74 32.79
C GLY A 281 25.17 6.35 31.33
N SER A 282 24.36 5.36 30.98
CA SER A 282 24.28 4.88 29.60
C SER A 282 23.15 5.57 28.84
N ALA A 283 23.19 5.48 27.52
CA ALA A 283 22.18 6.12 26.67
C ALA A 283 20.80 5.50 26.88
N LEU A 284 19.77 6.34 26.87
CA LEU A 284 18.39 5.88 27.01
C LEU A 284 17.96 5.05 25.81
N THR A 285 16.96 4.19 26.02
CA THR A 285 16.48 3.32 24.95
C THR A 285 15.32 3.94 24.19
N GLN A 286 15.04 3.39 23.00
CA GLN A 286 13.90 3.81 22.20
C GLN A 286 12.59 3.47 22.91
N ALA A 287 12.62 2.37 23.66
CA ALA A 287 11.45 1.92 24.41
C ALA A 287 11.02 2.96 25.44
N TYR A 288 11.97 3.46 26.22
CA TYR A 288 11.66 4.48 27.22
C TYR A 288 11.23 5.78 26.58
N LEU A 289 11.92 6.15 25.49
CA LEU A 289 11.59 7.39 24.79
C LEU A 289 10.18 7.32 24.20
N TYR A 290 9.81 6.15 23.67
CA TYR A 290 8.49 5.98 23.08
C TYR A 290 7.40 6.17 24.12
N LYS A 291 7.53 5.50 25.26
CA LYS A 291 6.52 5.53 26.30
C LYS A 291 6.35 6.93 26.90
N GLN A 292 7.44 7.68 26.96
CA GLN A 292 7.41 9.05 27.47
C GLN A 292 6.72 9.99 26.47
N VAL A 293 6.91 9.71 25.18
CA VAL A 293 6.27 10.50 24.13
C VAL A 293 4.79 10.15 24.02
N GLU A 294 4.50 8.86 24.09
CA GLU A 294 3.14 8.37 23.91
C GLU A 294 2.18 8.86 24.99
N ARG A 295 2.64 8.87 26.24
CA ARG A 295 1.80 9.29 27.35
C ARG A 295 1.44 10.77 27.26
N ILE A 296 2.31 11.56 26.63
CA ILE A 296 2.03 12.96 26.41
C ILE A 296 1.02 13.12 25.29
N ILE A 297 1.19 12.30 24.25
CA ILE A 297 0.24 12.24 23.13
C ILE A 297 -1.15 11.90 23.65
N ASN A 298 -1.23 10.91 24.53
CA ASN A 298 -2.49 10.55 25.17
C ASN A 298 -3.06 11.71 25.99
N PHE A 299 -2.21 12.33 26.80
CA PHE A 299 -2.61 13.43 27.66
C PHE A 299 -3.13 14.63 26.87
N ALA A 300 -2.57 14.83 25.67
CA ALA A 300 -2.95 15.94 24.83
C ALA A 300 -4.19 15.62 23.99
N GLY A 301 -4.66 14.38 24.08
CA GLY A 301 -5.78 13.94 23.29
C GLY A 301 -5.44 13.91 21.81
N LEU A 302 -4.21 13.55 21.50
CA LEU A 302 -3.71 13.55 20.13
C LEU A 302 -3.38 12.15 19.63
N ARG A 303 -3.88 11.14 20.32
CA ARG A 303 -3.57 9.76 19.95
C ARG A 303 -4.12 9.40 18.57
N ARG A 304 -3.29 8.76 17.77
CA ARG A 304 -3.67 8.40 16.41
C ARG A 304 -2.98 7.11 15.95
N GLU A 305 -2.82 6.98 14.64
CA GLU A 305 -2.25 5.76 14.05
C GLU A 305 -0.81 5.51 14.49
N LYS A 306 -0.05 6.59 14.66
CA LYS A 306 1.32 6.51 15.16
C LYS A 306 1.49 7.49 16.31
N ASN A 307 2.08 7.04 17.42
CA ASN A 307 2.21 7.88 18.59
C ASN A 307 3.60 7.89 19.20
N GLY A 308 4.61 7.85 18.33
CA GLY A 308 5.99 7.83 18.78
C GLY A 308 6.78 9.07 18.42
N ALA A 309 8.09 8.99 18.59
CA ALA A 309 8.97 10.13 18.32
C ALA A 309 9.14 10.38 16.83
N HIS A 310 9.02 9.34 16.03
CA HIS A 310 9.18 9.48 14.58
C HIS A 310 7.94 10.13 13.98
N MET A 311 6.80 10.00 14.66
CA MET A 311 5.60 10.69 14.25
C MET A 311 5.80 12.20 14.40
N LEU A 312 6.57 12.57 15.43
CA LEU A 312 6.94 13.96 15.63
C LEU A 312 7.91 14.41 14.53
N ARG A 313 8.75 13.49 14.09
CA ARG A 313 9.69 13.76 13.01
C ARG A 313 8.95 14.07 11.71
N HIS A 314 7.92 13.28 11.41
CA HIS A 314 7.09 13.53 10.24
C HIS A 314 6.38 14.88 10.35
N SER A 315 6.03 15.26 11.58
CA SER A 315 5.34 16.51 11.83
C SER A 315 6.22 17.71 11.51
N PHE A 316 7.49 17.63 11.91
CA PHE A 316 8.45 18.70 11.64
C PHE A 316 8.67 18.87 10.15
N ALA A 317 8.90 17.76 9.46
CA ALA A 317 9.10 17.77 8.01
C ALA A 317 7.91 18.40 7.30
N THR A 318 6.71 18.03 7.73
CA THR A 318 5.49 18.56 7.14
C THR A 318 5.37 20.06 7.40
N LEU A 319 5.51 20.46 8.65
CA LEU A 319 5.43 21.87 9.03
C LEU A 319 6.45 22.69 8.25
N LEU A 320 7.66 22.16 8.11
CA LEU A 320 8.74 22.85 7.42
C LEU A 320 8.38 23.15 5.97
N TYR A 321 7.75 22.20 5.29
CA TYR A 321 7.38 22.42 3.90
C TYR A 321 6.21 23.39 3.79
N GLN A 322 5.27 23.33 4.73
CA GLN A 322 4.13 24.24 4.74
C GLN A 322 4.60 25.68 4.89
N LYS A 323 5.67 25.86 5.66
CA LYS A 323 6.17 27.19 5.99
C LYS A 323 7.16 27.73 4.97
N ARG A 324 7.89 26.84 4.30
CA ARG A 324 8.99 27.25 3.44
C ARG A 324 8.82 26.87 1.98
N HIS A 325 8.09 25.80 1.72
CA HIS A 325 7.92 25.25 0.37
C HIS A 325 9.28 25.11 -0.33
N ASP A 326 10.26 24.64 0.44
CA ASP A 326 11.62 24.44 -0.05
C ASP A 326 11.98 22.96 0.10
N LEU A 327 11.95 22.23 -1.01
CA LEU A 327 12.17 20.79 -0.98
C LEU A 327 13.56 20.41 -0.48
N ILE A 328 14.57 21.15 -0.93
CA ILE A 328 15.94 20.89 -0.53
C ILE A 328 16.17 21.24 0.94
N LEU A 329 15.51 22.30 1.41
CA LEU A 329 15.60 22.66 2.81
C LEU A 329 15.03 21.54 3.69
N VAL A 330 13.95 20.92 3.23
CA VAL A 330 13.38 19.77 3.92
C VAL A 330 14.37 18.62 3.95
N GLN A 331 15.00 18.36 2.81
CA GLN A 331 15.99 17.30 2.70
C GLN A 331 17.16 17.51 3.66
N GLU A 332 17.72 18.72 3.62
CA GLU A 332 18.90 19.04 4.41
C GLU A 332 18.62 19.10 5.92
N ALA A 333 17.40 19.50 6.29
CA ALA A 333 17.04 19.62 7.69
C ALA A 333 16.73 18.26 8.31
N LEU A 334 16.00 17.43 7.56
CA LEU A 334 15.61 16.12 8.05
C LEU A 334 16.73 15.10 7.90
N GLY A 335 17.63 15.35 6.95
CA GLY A 335 18.74 14.45 6.71
C GLY A 335 18.40 13.35 5.71
N HIS A 336 17.55 13.67 4.74
CA HIS A 336 17.17 12.72 3.71
C HIS A 336 18.30 12.55 2.70
N ALA A 337 18.60 11.30 2.35
CA ALA A 337 19.59 11.02 1.32
C ALA A 337 18.92 11.09 -0.06
N SER A 338 17.61 10.91 -0.07
CA SER A 338 16.86 10.91 -1.33
C SER A 338 15.73 11.93 -1.32
N LEU A 339 15.60 12.68 -2.41
CA LEU A 339 14.54 13.67 -2.55
C LEU A 339 13.18 13.00 -2.70
N ASN A 340 13.19 11.71 -3.01
CA ASN A 340 11.96 10.92 -3.06
C ASN A 340 11.27 10.92 -1.70
N THR A 341 12.08 10.85 -0.64
CA THR A 341 11.58 10.88 0.72
C THR A 341 11.04 12.27 1.06
N SER A 342 11.80 13.30 0.71
CA SER A 342 11.42 14.68 0.99
C SER A 342 10.13 15.07 0.27
N ARG A 343 9.95 14.52 -0.92
CA ARG A 343 8.80 14.85 -1.77
C ARG A 343 7.48 14.32 -1.21
N ILE A 344 7.58 13.35 -0.31
CA ILE A 344 6.39 12.76 0.33
C ILE A 344 5.56 13.82 1.04
N TYR A 345 6.22 14.78 1.66
CA TYR A 345 5.56 15.76 2.49
C TYR A 345 4.90 16.87 1.68
N THR A 346 5.10 16.84 0.36
CA THR A 346 4.43 17.79 -0.52
C THR A 346 2.96 17.42 -0.69
N HIS A 347 2.62 16.20 -0.33
CA HIS A 347 1.24 15.71 -0.44
C HIS A 347 0.32 16.38 0.58
N PHE A 348 0.92 17.07 1.55
CA PHE A 348 0.14 17.76 2.58
C PHE A 348 0.13 19.26 2.37
N ASP A 349 0.62 19.70 1.21
CA ASP A 349 0.75 21.13 0.92
C ASP A 349 -0.62 21.82 0.91
N LYS A 350 -0.90 22.55 1.98
CA LYS A 350 -2.16 23.27 2.14
C LYS A 350 -2.45 24.20 0.97
N GLN A 351 -1.44 24.95 0.55
CA GLN A 351 -1.59 25.89 -0.56
C GLN A 351 -1.93 25.16 -1.85
N ARG A 352 -1.41 23.95 -2.00
CA ARG A 352 -1.68 23.14 -3.17
C ARG A 352 -3.09 22.55 -3.12
N LEU A 353 -3.46 22.04 -1.95
CA LEU A 353 -4.79 21.49 -1.75
C LEU A 353 -5.87 22.56 -1.88
N GLU A 354 -5.53 23.77 -1.41
CA GLU A 354 -6.44 24.91 -1.48
C GLU A 354 -6.86 25.21 -2.92
N GLU A 355 -5.93 25.08 -3.86
CA GLU A 355 -6.18 25.38 -5.26
C GLU A 355 -7.33 24.55 -5.83
N ALA A 356 -7.45 23.31 -5.35
CA ALA A 356 -8.49 22.41 -5.84
C ALA A 356 -9.80 22.63 -5.11
N ALA A 357 -9.73 22.77 -3.79
CA ALA A 357 -10.92 22.88 -2.96
C ALA A 357 -11.68 24.19 -3.17
N SER A 358 -10.98 25.21 -3.69
CA SER A 358 -11.56 26.54 -3.81
C SER A 358 -12.25 26.80 -5.15
N ILE A 359 -12.41 25.76 -5.95
CA ILE A 359 -13.05 25.91 -7.26
C ILE A 359 -14.55 26.16 -7.10
N TRP A 360 -15.09 25.81 -5.95
CA TRP A 360 -16.51 25.97 -5.67
C TRP A 360 -16.87 27.38 -5.22
N GLU A 361 -15.85 28.15 -4.88
CA GLU A 361 -16.04 29.52 -4.42
C GLU A 361 -16.09 30.51 -5.57
N GLU A 362 -16.16 29.98 -6.80
CA GLU A 362 -16.14 30.82 -7.99
C GLU A 362 -17.39 30.60 -8.85
N SER B 1 5.71 -29.32 -8.43
CA SER B 1 4.69 -28.91 -7.47
C SER B 1 3.64 -28.03 -8.15
N MET B 2 4.03 -26.83 -8.55
CA MET B 2 3.14 -25.93 -9.27
C MET B 2 3.27 -26.12 -10.78
N LYS B 3 4.19 -27.01 -11.18
CA LYS B 3 4.38 -27.31 -12.58
C LYS B 3 3.85 -28.69 -12.93
N HIS B 4 3.14 -28.77 -14.06
CA HIS B 4 2.58 -30.03 -14.53
C HIS B 4 2.76 -30.12 -16.04
N PRO B 5 2.82 -31.35 -16.59
CA PRO B 5 2.85 -31.50 -18.05
C PRO B 5 1.61 -30.89 -18.69
N LEU B 6 1.73 -30.48 -19.95
CA LEU B 6 0.65 -29.81 -20.65
C LEU B 6 -0.62 -30.65 -20.74
N GLU B 7 -0.46 -31.90 -21.16
CA GLU B 7 -1.60 -32.80 -21.32
C GLU B 7 -1.52 -33.99 -20.38
N GLU B 8 -2.27 -33.91 -19.28
CA GLU B 8 -2.29 -34.99 -18.28
C GLU B 8 -3.51 -35.89 -18.46
N LEU B 9 -4.53 -35.37 -19.14
CA LEU B 9 -5.78 -36.09 -19.30
C LEU B 9 -6.06 -36.40 -20.77
N LYS B 10 -6.68 -37.55 -21.02
CA LYS B 10 -7.06 -37.94 -22.37
C LYS B 10 -8.12 -37.00 -22.92
N ASP B 11 -8.91 -36.43 -22.02
CA ASP B 11 -9.92 -35.45 -22.38
C ASP B 11 -9.32 -34.05 -22.38
N PRO B 12 -9.19 -33.45 -23.56
CA PRO B 12 -8.63 -32.09 -23.68
C PRO B 12 -9.51 -31.05 -23.01
N THR B 13 -10.81 -31.31 -22.97
CA THR B 13 -11.77 -30.43 -22.32
C THR B 13 -11.53 -30.38 -20.82
N GLU B 14 -11.43 -31.57 -20.21
CA GLU B 14 -11.13 -31.68 -18.79
C GLU B 14 -9.76 -31.08 -18.48
N ASN B 15 -8.83 -31.27 -19.41
CA ASN B 15 -7.47 -30.76 -19.23
C ASN B 15 -7.41 -29.25 -19.33
N LEU B 16 -8.18 -28.68 -20.27
CA LEU B 16 -8.29 -27.24 -20.39
C LEU B 16 -8.94 -26.67 -19.13
N LEU B 17 -9.95 -27.37 -18.65
CA LEU B 17 -10.64 -27.00 -17.41
C LEU B 17 -9.67 -27.01 -16.25
N LEU B 18 -8.74 -27.96 -16.29
CA LEU B 18 -7.75 -28.13 -15.24
C LEU B 18 -6.81 -26.92 -15.15
N TRP B 19 -6.29 -26.49 -16.30
CA TRP B 19 -5.38 -25.36 -16.37
C TRP B 19 -6.06 -24.06 -15.96
N ILE B 20 -7.32 -23.91 -16.34
CA ILE B 20 -8.09 -22.73 -15.98
C ILE B 20 -8.20 -22.59 -14.47
N GLY B 21 -8.51 -23.70 -13.81
CA GLY B 21 -8.59 -23.73 -12.36
C GLY B 21 -7.28 -23.33 -11.71
N ARG B 22 -6.17 -23.86 -12.25
CA ARG B 22 -4.84 -23.54 -11.75
C ARG B 22 -4.53 -22.05 -11.90
N PHE B 23 -4.91 -21.49 -13.03
CA PHE B 23 -4.67 -20.08 -13.30
C PHE B 23 -5.48 -19.17 -12.38
N LEU B 24 -6.76 -19.50 -12.23
CA LEU B 24 -7.65 -18.72 -11.36
C LEU B 24 -7.22 -18.80 -9.91
N ARG B 25 -6.69 -19.95 -9.52
CA ARG B 25 -6.20 -20.14 -8.15
C ARG B 25 -4.98 -19.26 -7.91
N TYR B 26 -4.08 -19.22 -8.89
CA TYR B 26 -2.91 -18.37 -8.82
C TYR B 26 -3.31 -16.90 -8.70
N LYS B 27 -4.38 -16.53 -9.39
CA LYS B 27 -4.86 -15.15 -9.34
C LYS B 27 -5.44 -14.81 -7.97
N CYS B 28 -6.03 -15.80 -7.31
CA CYS B 28 -6.57 -15.59 -5.98
C CYS B 28 -5.47 -15.35 -4.94
N THR B 29 -4.23 -15.70 -5.30
CA THR B 29 -3.10 -15.51 -4.41
C THR B 29 -2.27 -14.29 -4.81
N SER B 30 -2.47 -13.80 -6.03
CA SER B 30 -1.67 -12.71 -6.56
C SER B 30 -2.43 -11.39 -6.65
N LEU B 31 -3.75 -11.49 -6.84
CA LEU B 31 -4.57 -10.27 -6.89
C LEU B 31 -4.76 -9.70 -5.49
N SER B 32 -5.15 -8.43 -5.43
CA SER B 32 -5.30 -7.73 -4.16
C SER B 32 -6.34 -8.38 -3.24
N ASN B 33 -6.02 -8.43 -1.96
CA ASN B 33 -6.95 -8.96 -0.96
C ASN B 33 -7.32 -7.89 0.06
N SER B 34 -7.11 -6.63 -0.30
CA SER B 34 -7.34 -5.51 0.60
C SER B 34 -8.80 -5.38 1.02
N GLN B 35 -9.71 -5.80 0.14
CA GLN B 35 -11.14 -5.69 0.41
C GLN B 35 -11.67 -6.91 1.17
N VAL B 36 -10.84 -7.93 1.32
CA VAL B 36 -11.24 -9.16 2.00
C VAL B 36 -11.34 -8.97 3.52
N LYS B 37 -12.53 -9.20 4.05
CA LYS B 37 -12.77 -9.07 5.48
C LYS B 37 -12.14 -10.24 6.24
N ASP B 38 -12.55 -11.46 5.89
CA ASP B 38 -12.03 -12.66 6.52
C ASP B 38 -11.14 -13.45 5.57
N GLN B 39 -9.86 -13.53 5.91
CA GLN B 39 -8.87 -14.19 5.06
C GLN B 39 -9.12 -15.71 4.98
N ASN B 40 -9.84 -16.24 5.96
CA ASN B 40 -10.19 -17.66 5.97
C ASN B 40 -11.07 -18.03 4.78
N LYS B 41 -11.88 -17.07 4.32
CA LYS B 41 -12.71 -17.29 3.14
C LYS B 41 -11.84 -17.50 1.90
N VAL B 42 -10.72 -16.79 1.85
CA VAL B 42 -9.76 -16.94 0.76
C VAL B 42 -9.13 -18.32 0.77
N PHE B 43 -8.71 -18.76 1.96
CA PHE B 43 -8.09 -20.07 2.12
C PHE B 43 -9.04 -21.19 1.73
N GLU B 44 -10.32 -21.01 2.05
CA GLU B 44 -11.34 -21.97 1.64
C GLU B 44 -11.43 -22.04 0.13
N CYS B 45 -11.43 -20.87 -0.51
CA CYS B 45 -11.48 -20.79 -1.97
C CYS B 45 -10.25 -21.44 -2.60
N LEU B 46 -9.09 -21.25 -1.98
CA LEU B 46 -7.85 -21.83 -2.46
C LEU B 46 -7.91 -23.35 -2.48
N ASN B 47 -8.44 -23.93 -1.40
CA ASN B 47 -8.55 -25.37 -1.29
C ASN B 47 -9.63 -25.93 -2.21
N GLU B 48 -10.74 -25.20 -2.33
CA GLU B 48 -11.86 -25.63 -3.15
C GLU B 48 -11.55 -25.55 -4.64
N LEU B 49 -10.58 -24.70 -4.99
CA LEU B 49 -10.15 -24.60 -6.38
C LEU B 49 -9.28 -25.78 -6.77
N ASN B 50 -8.64 -26.40 -5.79
CA ASN B 50 -7.84 -27.60 -6.02
C ASN B 50 -8.72 -28.82 -6.24
N GLN B 51 -9.76 -28.95 -5.42
CA GLN B 51 -10.66 -30.10 -5.49
C GLN B 51 -11.67 -29.95 -6.62
N ALA B 52 -11.68 -28.79 -7.26
CA ALA B 52 -12.60 -28.52 -8.35
C ALA B 52 -12.18 -29.24 -9.64
N CYS B 53 -13.14 -29.88 -10.29
CA CYS B 53 -12.87 -30.60 -11.53
C CYS B 53 -13.97 -30.34 -12.56
N SER B 54 -14.72 -29.27 -12.36
CA SER B 54 -15.82 -28.92 -13.25
C SER B 54 -15.98 -27.41 -13.38
N SER B 55 -16.85 -26.99 -14.29
CA SER B 55 -17.07 -25.57 -14.54
C SER B 55 -17.92 -24.94 -13.44
N SER B 56 -18.95 -25.65 -13.00
CA SER B 56 -19.85 -25.17 -11.96
C SER B 56 -19.11 -24.91 -10.66
N GLN B 57 -18.16 -25.79 -10.34
CA GLN B 57 -17.35 -25.64 -9.14
C GLN B 57 -16.49 -24.37 -9.21
N LEU B 58 -15.80 -24.20 -10.33
CA LEU B 58 -14.94 -23.03 -10.52
C LEU B 58 -15.72 -21.72 -10.41
N GLU B 59 -16.90 -21.69 -11.03
CA GLU B 59 -17.73 -20.50 -11.00
C GLU B 59 -18.21 -20.17 -9.58
N LYS B 60 -18.68 -21.20 -8.89
CA LYS B 60 -19.18 -21.03 -7.52
C LYS B 60 -18.10 -20.53 -6.58
N VAL B 61 -16.90 -21.09 -6.70
CA VAL B 61 -15.79 -20.73 -5.83
C VAL B 61 -15.28 -19.32 -6.12
N CYS B 62 -15.20 -18.97 -7.39
CA CYS B 62 -14.74 -17.63 -7.78
C CYS B 62 -15.76 -16.56 -7.39
N LYS B 63 -17.04 -16.90 -7.49
CA LYS B 63 -18.09 -16.00 -7.01
C LYS B 63 -17.97 -15.83 -5.50
N LYS B 64 -17.75 -16.94 -4.81
CA LYS B 64 -17.53 -16.94 -3.37
C LYS B 64 -16.35 -16.06 -3.00
N ALA B 65 -15.30 -16.10 -3.82
CA ALA B 65 -14.11 -15.30 -3.59
C ALA B 65 -14.39 -13.82 -3.78
N ARG B 66 -15.13 -13.49 -4.85
CA ARG B 66 -15.47 -12.11 -5.14
C ARG B 66 -16.36 -11.52 -4.06
N ASN B 67 -17.36 -12.30 -3.64
CA ASN B 67 -18.30 -11.86 -2.61
C ASN B 67 -17.64 -11.72 -1.25
N ALA B 68 -16.46 -12.31 -1.09
CA ALA B 68 -15.73 -12.27 0.17
C ALA B 68 -14.77 -11.10 0.23
N GLY B 69 -14.54 -10.46 -0.92
CA GLY B 69 -13.68 -9.29 -0.96
C GLY B 69 -12.62 -9.34 -2.05
N LEU B 70 -12.35 -10.53 -2.57
CA LEU B 70 -11.38 -10.68 -3.66
C LEU B 70 -12.03 -10.28 -4.98
N LEU B 71 -12.20 -8.97 -5.16
CA LEU B 71 -13.00 -8.44 -6.26
C LEU B 71 -12.41 -8.70 -7.64
N GLY B 72 -11.08 -8.73 -7.74
CA GLY B 72 -10.42 -8.82 -9.02
C GLY B 72 -10.61 -10.11 -9.79
N ILE B 73 -11.06 -11.15 -9.10
CA ILE B 73 -11.20 -12.47 -9.72
C ILE B 73 -12.35 -12.51 -10.72
N ASN B 74 -13.24 -11.53 -10.65
CA ASN B 74 -14.42 -11.51 -11.50
C ASN B 74 -14.08 -11.21 -12.96
N THR B 75 -12.93 -10.60 -13.19
CA THR B 75 -12.52 -10.21 -14.53
C THR B 75 -11.92 -11.38 -15.30
N TYR B 76 -11.46 -12.40 -14.58
CA TYR B 76 -10.79 -13.54 -15.20
C TYR B 76 -11.71 -14.76 -15.31
N ALA B 77 -12.55 -14.96 -14.31
CA ALA B 77 -13.36 -16.18 -14.19
C ALA B 77 -14.29 -16.41 -15.38
N LEU B 78 -15.29 -15.55 -15.52
CA LEU B 78 -16.33 -15.73 -16.54
C LEU B 78 -15.82 -15.83 -17.99
N PRO B 79 -14.89 -14.95 -18.42
CA PRO B 79 -14.44 -15.08 -19.81
C PRO B 79 -13.78 -16.42 -20.11
N LEU B 80 -13.00 -16.94 -19.18
CA LEU B 80 -12.31 -18.21 -19.36
C LEU B 80 -13.28 -19.38 -19.36
N LEU B 81 -14.28 -19.32 -18.49
CA LEU B 81 -15.28 -20.37 -18.41
C LEU B 81 -16.14 -20.39 -19.68
N LYS B 82 -16.31 -19.23 -20.29
CA LYS B 82 -17.05 -19.13 -21.54
C LYS B 82 -16.23 -19.72 -22.69
N PHE B 83 -14.91 -19.61 -22.59
CA PHE B 83 -14.04 -20.22 -23.58
C PHE B 83 -14.01 -21.74 -23.41
N HIS B 84 -14.02 -22.19 -22.15
CA HIS B 84 -14.09 -23.62 -21.86
C HIS B 84 -15.38 -24.19 -22.39
N GLU B 85 -16.45 -23.41 -22.32
CA GLU B 85 -17.74 -23.81 -22.88
C GLU B 85 -17.64 -23.87 -24.40
N TYR B 86 -16.96 -22.89 -24.97
CA TYR B 86 -16.75 -22.83 -26.42
C TYR B 86 -15.93 -24.02 -26.91
N PHE B 87 -14.87 -24.33 -26.19
CA PHE B 87 -14.00 -25.46 -26.52
C PHE B 87 -14.74 -26.78 -26.36
N SER B 88 -15.46 -26.92 -25.24
CA SER B 88 -16.18 -28.14 -24.93
C SER B 88 -17.30 -28.41 -25.94
N LYS B 89 -18.05 -27.35 -26.26
CA LYS B 89 -19.17 -27.47 -27.19
C LYS B 89 -18.67 -27.81 -28.60
N ALA B 90 -17.62 -27.14 -29.03
CA ALA B 90 -17.08 -27.34 -30.36
C ALA B 90 -16.49 -28.75 -30.54
N ARG B 91 -15.87 -29.26 -29.48
CA ARG B 91 -15.28 -30.59 -29.52
C ARG B 91 -16.36 -31.67 -29.63
N LEU B 92 -17.51 -31.41 -29.04
CA LEU B 92 -18.63 -32.35 -29.07
C LEU B 92 -19.47 -32.19 -30.33
N ILE B 93 -19.79 -30.93 -30.67
CA ILE B 93 -20.62 -30.64 -31.82
C ILE B 93 -19.86 -30.83 -33.13
N THR B 94 -18.67 -30.25 -33.21
CA THR B 94 -17.86 -30.32 -34.43
C THR B 94 -16.62 -31.19 -34.22
N GLU B 95 -16.75 -32.48 -34.51
CA GLU B 95 -15.64 -33.42 -34.36
C GLU B 95 -14.60 -33.21 -35.46
N ARG B 96 -13.79 -32.16 -35.33
CA ARG B 96 -12.78 -31.85 -36.33
C ARG B 96 -11.73 -30.86 -35.83
N LEU B 97 -10.57 -30.90 -36.46
CA LEU B 97 -9.51 -29.90 -36.29
C LEU B 97 -8.97 -29.76 -34.86
N ALA B 98 -8.90 -28.52 -34.40
CA ALA B 98 -8.16 -28.16 -33.19
C ALA B 98 -8.73 -28.73 -31.90
N PHE B 99 -10.04 -28.96 -31.86
CA PHE B 99 -10.71 -29.33 -30.62
C PHE B 99 -10.46 -30.78 -30.19
N ASN B 100 -9.49 -31.43 -30.85
CA ASN B 100 -9.09 -32.79 -30.48
C ASN B 100 -7.92 -32.76 -29.51
N SER B 101 -7.27 -31.60 -29.40
CA SER B 101 -6.12 -31.42 -28.51
C SER B 101 -5.88 -29.94 -28.25
N LEU B 102 -5.61 -29.60 -27.00
CA LEU B 102 -5.40 -28.20 -26.62
C LEU B 102 -4.06 -27.67 -27.13
N LYS B 103 -3.25 -28.54 -27.71
CA LYS B 103 -2.02 -28.13 -28.37
C LYS B 103 -2.33 -27.35 -29.64
N ASN B 104 -3.53 -27.54 -30.16
CA ASN B 104 -3.93 -26.91 -31.42
C ASN B 104 -4.70 -25.62 -31.19
N ILE B 105 -4.76 -25.18 -29.94
CA ILE B 105 -5.37 -23.89 -29.62
C ILE B 105 -4.43 -22.75 -30.03
N ASP B 106 -4.87 -21.94 -30.98
CA ASP B 106 -4.04 -20.85 -31.49
C ASP B 106 -4.77 -19.53 -31.54
N GLU B 107 -4.18 -18.57 -32.25
CA GLU B 107 -4.71 -17.21 -32.34
C GLU B 107 -6.03 -17.18 -33.11
N VAL B 108 -6.11 -17.95 -34.18
CA VAL B 108 -7.31 -18.02 -35.01
C VAL B 108 -8.51 -18.51 -34.20
N MET B 109 -8.26 -19.47 -33.31
CA MET B 109 -9.31 -20.04 -32.48
C MET B 109 -9.81 -19.05 -31.43
N LEU B 110 -8.88 -18.36 -30.79
CA LEU B 110 -9.24 -17.37 -29.78
C LEU B 110 -9.98 -16.19 -30.40
N ALA B 111 -9.63 -15.88 -31.65
CA ALA B 111 -10.28 -14.79 -32.37
C ALA B 111 -11.74 -15.12 -32.65
N GLU B 112 -12.00 -16.37 -33.02
CA GLU B 112 -13.36 -16.81 -33.30
C GLU B 112 -14.22 -16.80 -32.05
N PHE B 113 -13.64 -17.21 -30.93
CA PHE B 113 -14.36 -17.24 -29.66
C PHE B 113 -14.79 -15.84 -29.24
N LEU B 114 -13.89 -14.87 -29.38
CA LEU B 114 -14.19 -13.49 -29.05
C LEU B 114 -15.25 -12.93 -29.99
N SER B 115 -15.29 -13.45 -31.21
CA SER B 115 -16.26 -13.00 -32.20
C SER B 115 -17.66 -13.54 -31.88
N VAL B 116 -17.71 -14.71 -31.25
CA VAL B 116 -18.98 -15.38 -30.98
C VAL B 116 -19.58 -14.96 -29.64
N TYR B 117 -18.75 -14.90 -28.60
CA TYR B 117 -19.24 -14.68 -27.23
C TYR B 117 -19.24 -13.22 -26.80
N THR B 118 -18.69 -12.34 -27.62
CA THR B 118 -18.68 -10.92 -27.28
C THR B 118 -19.37 -10.09 -28.37
N GLY B 119 -20.49 -10.60 -28.88
CA GLY B 119 -21.22 -9.93 -29.93
C GLY B 119 -21.78 -8.58 -29.53
N GLY B 120 -22.74 -8.60 -28.60
CA GLY B 120 -23.37 -7.37 -28.14
C GLY B 120 -22.76 -6.84 -26.86
N LEU B 121 -21.43 -6.71 -26.85
CA LEU B 121 -20.72 -6.20 -25.69
C LEU B 121 -19.88 -4.98 -26.06
N SER B 122 -19.57 -4.15 -25.07
CA SER B 122 -18.78 -2.94 -25.30
C SER B 122 -17.33 -3.30 -25.61
N LEU B 123 -16.61 -2.33 -26.18
CA LEU B 123 -15.20 -2.51 -26.51
C LEU B 123 -14.38 -2.79 -25.25
N ALA B 124 -14.76 -2.15 -24.15
CA ALA B 124 -14.06 -2.32 -22.88
C ALA B 124 -14.21 -3.75 -22.36
N THR B 125 -15.42 -4.30 -22.51
CA THR B 125 -15.69 -5.67 -22.10
C THR B 125 -14.90 -6.65 -22.97
N LYS B 126 -14.90 -6.40 -24.28
CA LYS B 126 -14.12 -7.20 -25.22
C LYS B 126 -12.64 -7.20 -24.84
N LYS B 127 -12.16 -6.04 -24.38
CA LYS B 127 -10.78 -5.90 -23.97
C LYS B 127 -10.50 -6.76 -22.73
N ASN B 128 -11.48 -6.86 -21.85
CA ASN B 128 -11.34 -7.67 -20.64
C ASN B 128 -11.23 -9.16 -20.96
N TYR B 129 -12.07 -9.64 -21.87
CA TYR B 129 -12.03 -11.02 -22.32
C TYR B 129 -10.65 -11.35 -22.91
N ARG B 130 -10.15 -10.45 -23.75
CA ARG B 130 -8.86 -10.64 -24.40
C ARG B 130 -7.73 -10.75 -23.38
N ILE B 131 -7.69 -9.82 -22.44
CA ILE B 131 -6.66 -9.82 -21.41
C ILE B 131 -6.70 -11.10 -20.58
N ALA B 132 -7.92 -11.57 -20.31
CA ALA B 132 -8.11 -12.80 -19.55
C ALA B 132 -7.51 -14.00 -20.28
N LEU B 133 -7.83 -14.13 -21.57
CA LEU B 133 -7.31 -15.22 -22.39
C LEU B 133 -5.78 -15.18 -22.47
N LEU B 134 -5.24 -13.99 -22.66
CA LEU B 134 -3.79 -13.81 -22.76
C LEU B 134 -3.11 -14.23 -21.47
N GLY B 135 -3.75 -13.95 -20.34
CA GLY B 135 -3.20 -14.31 -19.04
C GLY B 135 -3.19 -15.81 -18.81
N LEU B 136 -4.26 -16.48 -19.24
CA LEU B 136 -4.39 -17.93 -19.08
C LEU B 136 -3.27 -18.67 -19.80
N PHE B 137 -3.07 -18.37 -21.07
CA PHE B 137 -2.09 -19.07 -21.88
C PHE B 137 -0.67 -18.61 -21.58
N SER B 138 -0.55 -17.45 -20.93
CA SER B 138 0.75 -17.00 -20.44
C SER B 138 1.15 -17.84 -19.23
N TYR B 139 0.16 -18.16 -18.41
CA TYR B 139 0.35 -19.03 -17.25
C TYR B 139 0.73 -20.44 -17.69
N ILE B 140 0.00 -20.96 -18.66
CA ILE B 140 0.23 -22.30 -19.17
C ILE B 140 1.62 -22.43 -19.78
N ASP B 141 2.02 -21.41 -20.54
CA ASP B 141 3.35 -21.38 -21.16
C ASP B 141 4.45 -21.45 -20.11
N LYS B 142 4.21 -20.81 -18.96
CA LYS B 142 5.21 -20.73 -17.91
C LYS B 142 5.19 -21.96 -16.99
N GLN B 143 4.03 -22.62 -16.90
CA GLN B 143 3.86 -23.67 -15.91
C GLN B 143 3.80 -25.09 -16.47
N ASN B 144 3.75 -25.23 -17.79
CA ASN B 144 3.70 -26.57 -18.39
C ASN B 144 5.10 -27.16 -18.52
N GLN B 145 5.24 -28.43 -18.17
CA GLN B 145 6.54 -29.09 -18.15
C GLN B 145 6.39 -30.60 -17.96
N ASP B 146 6.85 -31.38 -18.94
CA ASP B 146 6.71 -32.83 -18.88
C ASP B 146 7.76 -33.49 -18.00
N GLU B 147 7.86 -34.81 -18.09
CA GLU B 147 8.82 -35.58 -17.30
C GLU B 147 10.25 -35.31 -17.76
N ASN B 148 10.39 -34.90 -19.01
CA ASN B 148 11.72 -34.63 -19.58
C ASN B 148 12.06 -33.14 -19.51
N GLU B 149 11.36 -32.42 -18.64
CA GLU B 149 11.56 -30.99 -18.44
C GLU B 149 11.36 -30.19 -19.73
N LYS B 150 10.61 -30.73 -20.66
CA LYS B 150 10.30 -30.05 -21.92
C LYS B 150 8.93 -29.40 -21.85
N SER B 151 8.84 -28.19 -22.39
CA SER B 151 7.60 -27.42 -22.33
C SER B 151 7.05 -27.10 -23.72
N TYR B 152 5.73 -26.94 -23.80
CA TYR B 152 5.10 -26.52 -25.04
C TYR B 152 4.87 -25.01 -25.01
N ILE B 153 5.15 -24.35 -26.13
CA ILE B 153 5.05 -22.90 -26.20
C ILE B 153 3.88 -22.44 -27.07
N TYR B 154 2.93 -21.76 -26.46
CA TYR B 154 1.83 -21.15 -27.20
C TYR B 154 2.27 -19.83 -27.83
N ASN B 155 2.79 -18.94 -26.98
CA ASN B 155 3.20 -17.60 -27.39
C ASN B 155 2.07 -16.88 -28.11
N ILE B 156 0.89 -16.88 -27.50
CA ILE B 156 -0.29 -16.27 -28.09
C ILE B 156 -0.36 -14.77 -27.79
N THR B 157 -0.37 -13.97 -28.86
CA THR B 157 -0.47 -12.52 -28.74
C THR B 157 -1.60 -11.98 -29.59
N LEU B 158 -2.80 -11.92 -29.01
CA LEU B 158 -3.97 -11.43 -29.72
C LEU B 158 -3.83 -9.96 -30.09
N LYS B 159 -4.30 -9.61 -31.28
CA LYS B 159 -4.26 -8.23 -31.74
C LYS B 159 -5.18 -7.34 -30.92
N ASN B 160 -4.95 -6.04 -30.97
CA ASN B 160 -5.76 -5.08 -30.22
C ASN B 160 -7.21 -5.06 -30.69
N ILE B 161 -8.11 -4.71 -29.77
CA ILE B 161 -9.52 -4.58 -30.10
C ILE B 161 -9.82 -3.18 -30.62
N SER B 162 -10.14 -3.08 -31.90
CA SER B 162 -10.41 -1.79 -32.53
C SER B 162 -11.70 -1.17 -32.02
N GLY B 169 -22.32 5.82 -33.24
CA GLY B 169 -22.89 7.15 -33.09
C GLY B 169 -22.46 7.82 -31.79
N ASN B 170 -22.81 9.09 -31.65
CA ASN B 170 -22.47 9.86 -30.46
C ASN B 170 -23.32 9.44 -29.26
N LYS B 171 -22.73 9.52 -28.07
CA LYS B 171 -23.43 9.13 -26.85
C LYS B 171 -23.80 10.33 -25.99
N LEU B 172 -24.65 10.09 -24.99
CA LEU B 172 -25.04 11.12 -24.04
C LEU B 172 -23.86 11.53 -23.15
N PRO B 173 -23.91 12.74 -22.58
CA PRO B 173 -22.85 13.22 -21.69
C PRO B 173 -22.56 12.27 -20.52
N THR B 174 -21.31 12.22 -20.10
CA THR B 174 -20.90 11.36 -18.99
C THR B 174 -20.43 12.20 -17.80
N HIS B 175 -20.93 13.43 -17.72
CA HIS B 175 -20.60 14.34 -16.63
C HIS B 175 -21.59 15.48 -16.56
N LEU B 176 -21.63 16.16 -15.41
CA LEU B 176 -22.45 17.35 -15.26
C LEU B 176 -21.56 18.57 -15.43
N ASN B 177 -22.01 19.54 -16.22
CA ASN B 177 -21.25 20.78 -16.37
C ASN B 177 -21.40 21.67 -15.14
N ASN B 178 -20.90 22.90 -15.23
CA ASN B 178 -20.92 23.81 -14.09
C ASN B 178 -22.35 24.10 -13.62
N GLU B 179 -23.23 24.39 -14.56
CA GLU B 179 -24.62 24.73 -14.23
C GLU B 179 -25.39 23.52 -13.70
N GLU B 180 -25.18 22.36 -14.31
CA GLU B 180 -25.84 21.14 -13.89
C GLU B 180 -25.41 20.70 -12.51
N LEU B 181 -24.12 20.89 -12.21
CA LEU B 181 -23.58 20.57 -10.89
C LEU B 181 -24.29 21.39 -9.82
N GLU B 182 -24.51 22.67 -10.11
CA GLU B 182 -25.18 23.57 -9.20
C GLU B 182 -26.61 23.10 -8.94
N LYS B 183 -27.28 22.64 -9.99
CA LYS B 183 -28.65 22.17 -9.88
C LYS B 183 -28.73 20.86 -9.10
N PHE B 184 -27.72 20.00 -9.27
CA PHE B 184 -27.66 18.74 -8.54
C PHE B 184 -27.53 18.99 -7.05
N LEU B 185 -26.63 19.90 -6.67
CA LEU B 185 -26.43 20.26 -5.27
C LEU B 185 -27.72 20.78 -4.65
N GLU B 186 -28.46 21.59 -5.40
CA GLU B 186 -29.75 22.10 -4.94
C GLU B 186 -30.75 20.97 -4.76
N SER B 187 -30.71 20.01 -5.68
CA SER B 187 -31.64 18.89 -5.66
C SER B 187 -31.38 17.96 -4.48
N ILE B 188 -30.14 17.92 -4.02
CA ILE B 188 -29.78 17.12 -2.85
C ILE B 188 -30.59 17.57 -1.63
N ASP B 189 -30.74 18.88 -1.51
CA ASP B 189 -31.51 19.45 -0.41
C ASP B 189 -32.99 19.51 -0.73
N LYS B 190 -33.32 19.70 -2.00
CA LYS B 190 -34.71 19.87 -2.43
C LYS B 190 -35.49 18.56 -2.43
N ILE B 191 -34.83 17.46 -2.79
CA ILE B 191 -35.48 16.17 -2.85
C ILE B 191 -35.88 15.71 -1.44
N GLU B 192 -36.91 14.89 -1.36
CA GLU B 192 -37.45 14.46 -0.07
C GLU B 192 -36.73 13.21 0.46
N MET B 193 -36.32 13.27 1.72
CA MET B 193 -35.76 12.13 2.41
C MET B 193 -36.36 12.01 3.79
N SER B 194 -36.47 10.78 4.30
CA SER B 194 -36.98 10.56 5.65
C SER B 194 -36.02 11.16 6.67
N ALA B 195 -36.55 11.51 7.83
CA ALA B 195 -35.74 12.14 8.88
C ALA B 195 -34.62 11.22 9.34
N LYS B 196 -34.82 9.92 9.20
CA LYS B 196 -33.84 8.93 9.65
C LYS B 196 -32.58 8.95 8.80
N VAL B 197 -32.71 9.26 7.52
CA VAL B 197 -31.58 9.13 6.59
C VAL B 197 -31.18 10.45 5.92
N ARG B 198 -31.99 11.49 6.07
CA ARG B 198 -31.76 12.72 5.32
C ARG B 198 -30.43 13.38 5.63
N ALA B 199 -30.10 13.48 6.92
CA ALA B 199 -28.85 14.12 7.34
C ALA B 199 -27.63 13.34 6.86
N ARG B 200 -27.66 12.03 7.05
CA ARG B 200 -26.53 11.17 6.69
C ARG B 200 -26.31 11.13 5.18
N ASN B 201 -27.38 10.90 4.44
CA ASN B 201 -27.29 10.74 2.99
C ASN B 201 -26.86 12.00 2.26
N ARG B 202 -27.38 13.15 2.71
CA ARG B 202 -27.01 14.42 2.10
C ARG B 202 -25.52 14.72 2.30
N LEU B 203 -25.04 14.46 3.51
CA LEU B 203 -23.63 14.70 3.83
C LEU B 203 -22.73 13.80 2.98
N LEU B 204 -23.13 12.54 2.85
CA LEU B 204 -22.38 11.56 2.07
C LEU B 204 -22.18 11.99 0.63
N ILE B 205 -23.29 12.27 -0.05
CA ILE B 205 -23.28 12.64 -1.46
C ILE B 205 -22.54 13.96 -1.69
N LYS B 206 -22.77 14.94 -0.82
CA LYS B 206 -22.14 16.25 -0.96
C LYS B 206 -20.61 16.15 -0.85
N ILE B 207 -20.13 15.35 0.10
CA ILE B 207 -18.69 15.12 0.24
C ILE B 207 -18.12 14.55 -1.05
N ILE B 208 -18.83 13.60 -1.64
CA ILE B 208 -18.43 13.00 -2.90
C ILE B 208 -18.34 14.05 -4.01
N VAL B 209 -19.35 14.92 -4.07
CA VAL B 209 -19.40 15.97 -5.08
C VAL B 209 -18.22 16.93 -4.98
N PHE B 210 -17.99 17.45 -3.77
CA PHE B 210 -17.00 18.51 -3.58
C PHE B 210 -15.55 18.03 -3.60
N THR B 211 -15.32 16.72 -3.56
CA THR B 211 -13.95 16.21 -3.50
C THR B 211 -13.58 15.30 -4.67
N GLY B 212 -14.59 14.76 -5.35
CA GLY B 212 -14.36 13.84 -6.46
C GLY B 212 -14.00 12.45 -5.97
N MET B 213 -14.31 12.21 -4.71
CA MET B 213 -14.02 10.95 -4.04
C MET B 213 -14.72 9.76 -4.70
N ARG B 214 -14.02 8.63 -4.82
CA ARG B 214 -14.65 7.41 -5.32
C ARG B 214 -15.71 6.92 -4.36
N SER B 215 -16.56 6.01 -4.83
CA SER B 215 -17.67 5.50 -4.04
C SER B 215 -17.20 4.81 -2.75
N ASN B 216 -16.35 3.81 -2.91
CA ASN B 216 -15.86 3.05 -1.76
C ASN B 216 -14.99 3.91 -0.84
N GLU B 217 -14.28 4.86 -1.42
CA GLU B 217 -13.47 5.79 -0.64
C GLU B 217 -14.34 6.60 0.31
N ALA B 218 -15.54 6.94 -0.15
CA ALA B 218 -16.47 7.72 0.64
C ALA B 218 -17.15 6.86 1.71
N LEU B 219 -17.58 5.68 1.32
CA LEU B 219 -18.31 4.78 2.21
C LEU B 219 -17.45 4.26 3.35
N GLN B 220 -16.13 4.36 3.21
CA GLN B 220 -15.20 3.83 4.20
C GLN B 220 -14.51 4.94 4.99
N LEU B 221 -15.08 6.15 4.94
CA LEU B 221 -14.50 7.28 5.65
C LEU B 221 -14.61 7.11 7.16
N LYS B 222 -13.49 7.32 7.85
CA LYS B 222 -13.48 7.36 9.30
C LYS B 222 -13.44 8.82 9.76
N ILE B 223 -13.88 9.07 10.99
CA ILE B 223 -13.87 10.42 11.53
C ILE B 223 -12.42 10.87 11.74
N LYS B 224 -11.54 9.93 12.05
CA LYS B 224 -10.13 10.21 12.25
C LYS B 224 -9.43 10.60 10.94
N ASP B 225 -10.12 10.41 9.82
CA ASP B 225 -9.59 10.79 8.51
C ASP B 225 -9.70 12.29 8.29
N PHE B 226 -10.55 12.93 9.08
CA PHE B 226 -10.79 14.37 8.94
C PHE B 226 -9.92 15.19 9.89
N THR B 227 -9.32 16.25 9.36
CA THR B 227 -8.57 17.19 10.18
C THR B 227 -8.99 18.62 9.84
N LEU B 228 -9.52 19.33 10.82
CA LEU B 228 -10.01 20.68 10.61
C LEU B 228 -9.00 21.74 11.04
N GLU B 229 -8.70 22.66 10.13
CA GLU B 229 -7.77 23.75 10.43
C GLU B 229 -8.07 24.98 9.59
N ASN B 230 -8.37 26.09 10.25
CA ASN B 230 -8.67 27.37 9.61
C ASN B 230 -9.76 27.26 8.55
N GLY B 231 -10.81 26.51 8.85
CA GLY B 231 -11.95 26.38 7.97
C GLY B 231 -11.77 25.35 6.87
N CYS B 232 -10.66 24.63 6.92
CA CYS B 232 -10.37 23.62 5.90
C CYS B 232 -10.34 22.22 6.49
N TYR B 233 -11.06 21.30 5.85
CA TYR B 233 -10.97 19.88 6.21
C TYR B 233 -9.97 19.18 5.32
N THR B 234 -8.90 18.65 5.91
CA THR B 234 -7.96 17.81 5.19
C THR B 234 -8.35 16.34 5.41
N ILE B 235 -8.75 15.67 4.33
CA ILE B 235 -9.21 14.29 4.43
C ILE B 235 -8.20 13.31 3.86
N LEU B 236 -7.75 12.36 4.68
CA LEU B 236 -6.87 11.31 4.21
C LEU B 236 -7.69 10.18 3.59
N ILE B 237 -7.33 9.79 2.37
CA ILE B 237 -8.08 8.77 1.64
C ILE B 237 -7.23 7.57 1.28
N LYS B 238 -7.63 6.40 1.75
CA LYS B 238 -7.07 5.14 1.28
C LYS B 238 -7.78 4.77 -0.02
N GLY B 239 -7.13 5.06 -1.15
CA GLY B 239 -7.78 4.94 -2.44
C GLY B 239 -7.63 3.60 -3.13
N LYS B 240 -8.07 3.56 -4.38
CA LYS B 240 -8.00 2.35 -5.20
C LYS B 240 -6.56 1.88 -5.35
N GLY B 241 -6.35 0.57 -5.21
CA GLY B 241 -5.01 0.02 -5.26
C GLY B 241 -4.20 0.41 -4.03
N ASP B 242 -4.92 0.76 -2.96
CA ASP B 242 -4.32 1.14 -1.69
C ASP B 242 -3.39 2.35 -1.83
N LYS B 243 -3.72 3.22 -2.77
CA LYS B 243 -2.98 4.46 -2.98
C LYS B 243 -3.52 5.54 -2.05
N TYR B 244 -2.66 6.10 -1.21
CA TYR B 244 -3.08 7.13 -0.27
C TYR B 244 -2.92 8.52 -0.85
N ARG B 245 -3.88 9.39 -0.54
CA ARG B 245 -3.83 10.78 -0.97
C ARG B 245 -4.63 11.65 -0.01
N ALA B 246 -4.29 12.92 0.06
CA ALA B 246 -5.03 13.86 0.89
C ALA B 246 -5.85 14.79 0.01
N VAL B 247 -7.10 15.01 0.40
CA VAL B 247 -7.96 15.96 -0.31
C VAL B 247 -8.50 16.99 0.66
N MET B 248 -8.81 18.18 0.16
CA MET B 248 -9.29 19.26 1.01
C MET B 248 -10.74 19.61 0.71
N LEU B 249 -11.51 19.84 1.78
CA LEU B 249 -12.90 20.23 1.65
C LEU B 249 -13.18 21.41 2.57
N LYS B 250 -13.60 22.53 1.99
CA LYS B 250 -13.92 23.72 2.78
C LYS B 250 -15.08 23.44 3.73
N ALA B 251 -14.91 23.86 4.98
CA ALA B 251 -15.84 23.49 6.05
C ALA B 251 -17.24 24.06 5.85
N PHE B 252 -17.34 25.25 5.26
CA PHE B 252 -18.63 25.92 5.17
C PHE B 252 -19.61 25.18 4.26
N HIS B 253 -19.09 24.24 3.47
CA HIS B 253 -19.92 23.43 2.58
C HIS B 253 -20.75 22.40 3.36
N ILE B 254 -20.22 21.94 4.49
CA ILE B 254 -20.83 20.82 5.21
C ILE B 254 -20.92 20.98 6.72
N GLU B 255 -20.51 22.14 7.25
CA GLU B 255 -20.39 22.31 8.69
C GLU B 255 -21.69 22.04 9.46
N SER B 256 -22.77 22.68 9.02
CA SER B 256 -24.07 22.50 9.68
C SER B 256 -24.60 21.09 9.45
N LEU B 257 -24.30 20.52 8.30
CA LEU B 257 -24.79 19.18 7.95
C LEU B 257 -24.01 18.11 8.68
N LEU B 258 -22.70 18.33 8.84
CA LEU B 258 -21.85 17.38 9.54
C LEU B 258 -22.23 17.29 11.02
N LYS B 259 -22.40 18.45 11.65
CA LYS B 259 -22.75 18.51 13.06
C LYS B 259 -24.11 17.87 13.32
N GLU B 260 -25.02 18.03 12.36
CA GLU B 260 -26.36 17.46 12.48
C GLU B 260 -26.32 15.93 12.43
N TRP B 261 -25.53 15.39 11.51
CA TRP B 261 -25.43 13.94 11.37
C TRP B 261 -24.67 13.30 12.54
N LEU B 262 -23.62 13.96 13.00
CA LEU B 262 -22.81 13.44 14.10
C LEU B 262 -23.64 13.25 15.36
N ILE B 263 -24.64 14.11 15.54
CA ILE B 263 -25.55 14.00 16.67
C ILE B 263 -26.44 12.77 16.52
N GLU B 264 -26.95 12.55 15.32
CA GLU B 264 -27.74 11.36 15.01
C GLU B 264 -26.88 10.11 15.15
N ARG B 265 -25.63 10.22 14.73
CA ARG B 265 -24.69 9.10 14.71
C ARG B 265 -24.46 8.52 16.10
N GLU B 266 -24.65 9.34 17.13
CA GLU B 266 -24.50 8.91 18.52
C GLU B 266 -25.49 7.80 18.88
N LEU B 267 -26.62 7.77 18.17
CA LEU B 267 -27.65 6.78 18.44
C LEU B 267 -27.42 5.50 17.64
N TYR B 268 -26.40 5.50 16.81
CA TYR B 268 -26.04 4.32 16.01
C TYR B 268 -24.96 3.49 16.69
N PRO B 269 -25.05 2.15 16.59
CA PRO B 269 -24.00 1.26 17.06
C PRO B 269 -22.84 1.21 16.06
N VAL B 270 -22.21 2.35 15.82
CA VAL B 270 -21.19 2.49 14.80
C VAL B 270 -19.97 1.60 15.07
N LYS B 271 -19.42 1.05 14.00
CA LYS B 271 -18.22 0.21 14.11
C LYS B 271 -17.06 0.83 13.33
N ASN B 272 -15.84 0.58 13.80
CA ASN B 272 -14.61 1.02 13.15
C ASN B 272 -14.51 2.54 12.96
N ASP B 273 -15.20 3.29 13.81
CA ASP B 273 -15.18 4.76 13.78
C ASP B 273 -15.59 5.29 12.40
N LEU B 274 -16.51 4.59 11.75
CA LEU B 274 -17.03 5.00 10.46
C LEU B 274 -17.82 6.30 10.56
N LEU B 275 -17.65 7.17 9.58
CA LEU B 275 -18.42 8.40 9.53
C LEU B 275 -19.87 8.10 9.12
N PHE B 276 -20.02 7.28 8.09
CA PHE B 276 -21.34 6.89 7.61
C PHE B 276 -21.59 5.41 7.88
N CYS B 277 -22.82 5.08 8.26
CA CYS B 277 -23.18 3.70 8.55
C CYS B 277 -24.68 3.48 8.47
N ASN B 278 -25.08 2.22 8.33
CA ASN B 278 -26.49 1.86 8.39
C ASN B 278 -26.94 1.74 9.84
N GLN B 279 -28.17 1.28 10.05
CA GLN B 279 -28.71 1.14 11.40
C GLN B 279 -28.01 0.04 12.19
N LYS B 280 -27.31 -0.84 11.48
CA LYS B 280 -26.57 -1.92 12.12
C LYS B 280 -25.17 -1.45 12.52
N GLY B 281 -24.79 -0.27 12.04
CA GLY B 281 -23.50 0.31 12.39
C GLY B 281 -22.41 -0.03 11.40
N SER B 282 -22.74 -0.84 10.39
CA SER B 282 -21.78 -1.23 9.36
C SER B 282 -21.78 -0.24 8.21
N ALA B 283 -20.73 -0.30 7.39
CA ALA B 283 -20.58 0.61 6.26
C ALA B 283 -21.70 0.43 5.23
N LEU B 284 -22.08 1.51 4.57
CA LEU B 284 -23.11 1.47 3.54
C LEU B 284 -22.56 0.82 2.27
N THR B 285 -23.46 0.28 1.46
CA THR B 285 -23.06 -0.41 0.24
C THR B 285 -23.10 0.51 -0.98
N GLN B 286 -22.40 0.11 -2.03
CA GLN B 286 -22.39 0.85 -3.30
C GLN B 286 -23.78 0.87 -3.92
N ALA B 287 -24.53 -0.20 -3.70
CA ALA B 287 -25.89 -0.31 -4.22
C ALA B 287 -26.79 0.78 -3.65
N TYR B 288 -26.70 0.98 -2.33
CA TYR B 288 -27.50 2.00 -1.67
C TYR B 288 -27.08 3.40 -2.14
N LEU B 289 -25.77 3.64 -2.16
CA LEU B 289 -25.23 4.91 -2.61
C LEU B 289 -25.66 5.25 -4.03
N TYR B 290 -25.57 4.25 -4.92
CA TYR B 290 -25.95 4.46 -6.32
C TYR B 290 -27.42 4.85 -6.45
N LYS B 291 -28.28 4.09 -5.78
CA LYS B 291 -29.71 4.34 -5.85
C LYS B 291 -30.06 5.71 -5.26
N GLN B 292 -29.35 6.12 -4.21
CA GLN B 292 -29.57 7.42 -3.61
C GLN B 292 -29.13 8.54 -4.54
N VAL B 293 -28.00 8.35 -5.22
CA VAL B 293 -27.49 9.34 -6.15
C VAL B 293 -28.36 9.44 -7.40
N GLU B 294 -28.67 8.28 -7.99
CA GLU B 294 -29.48 8.23 -9.20
C GLU B 294 -30.88 8.80 -8.95
N ARG B 295 -31.38 8.62 -7.72
CA ARG B 295 -32.68 9.15 -7.33
C ARG B 295 -32.71 10.67 -7.43
N ILE B 296 -31.61 11.30 -7.03
CA ILE B 296 -31.49 12.75 -7.08
C ILE B 296 -31.28 13.24 -8.51
N ILE B 297 -30.41 12.55 -9.25
CA ILE B 297 -30.15 12.85 -10.65
C ILE B 297 -31.44 12.81 -11.47
N ASN B 298 -32.22 11.75 -11.28
CA ASN B 298 -33.48 11.56 -11.97
C ASN B 298 -34.47 12.66 -11.59
N PHE B 299 -34.47 13.03 -10.32
CA PHE B 299 -35.33 14.08 -9.80
C PHE B 299 -35.00 15.44 -10.40
N ALA B 300 -33.72 15.65 -10.69
CA ALA B 300 -33.26 16.92 -11.26
C ALA B 300 -33.34 16.92 -12.78
N GLY B 301 -33.80 15.80 -13.34
CA GLY B 301 -33.89 15.64 -14.78
C GLY B 301 -32.53 15.71 -15.45
N LEU B 302 -31.54 15.10 -14.81
CA LEU B 302 -30.16 15.16 -15.29
C LEU B 302 -29.64 13.79 -15.74
N ARG B 303 -30.54 12.84 -15.93
CA ARG B 303 -30.15 11.49 -16.34
C ARG B 303 -29.42 11.50 -17.68
N ARG B 304 -28.33 10.73 -17.75
CA ARG B 304 -27.52 10.67 -18.96
C ARG B 304 -26.88 9.29 -19.13
N GLU B 305 -25.69 9.26 -19.71
CA GLU B 305 -25.01 8.00 -20.00
C GLU B 305 -24.66 7.25 -18.72
N LYS B 306 -24.07 7.96 -17.77
CA LYS B 306 -23.77 7.39 -16.45
C LYS B 306 -24.53 8.18 -15.39
N ASN B 307 -25.07 7.49 -14.39
CA ASN B 307 -25.90 8.14 -13.38
C ASN B 307 -25.56 7.75 -11.96
N GLY B 308 -24.28 7.45 -11.71
CA GLY B 308 -23.83 7.08 -10.39
C GLY B 308 -22.91 8.10 -9.75
N ALA B 309 -22.29 7.72 -8.64
CA ALA B 309 -21.39 8.62 -7.93
C ALA B 309 -20.11 8.86 -8.71
N HIS B 310 -19.75 7.89 -9.56
CA HIS B 310 -18.55 8.01 -10.37
C HIS B 310 -18.71 9.09 -11.42
N MET B 311 -19.94 9.29 -11.87
CA MET B 311 -20.25 10.34 -12.82
C MET B 311 -19.98 11.70 -12.19
N LEU B 312 -20.22 11.80 -10.89
CA LEU B 312 -19.93 13.02 -10.13
C LEU B 312 -18.42 13.23 -10.02
N ARG B 313 -17.68 12.14 -10.01
CA ARG B 313 -16.22 12.19 -9.98
C ARG B 313 -15.70 12.77 -11.29
N HIS B 314 -16.35 12.41 -12.39
CA HIS B 314 -16.05 13.00 -13.69
C HIS B 314 -16.33 14.50 -13.67
N SER B 315 -17.48 14.85 -13.09
CA SER B 315 -17.90 16.25 -13.02
C SER B 315 -16.91 17.10 -12.22
N PHE B 316 -16.35 16.52 -11.16
CA PHE B 316 -15.39 17.24 -10.34
C PHE B 316 -14.12 17.57 -11.12
N ALA B 317 -13.56 16.57 -11.76
CA ALA B 317 -12.32 16.73 -12.52
C ALA B 317 -12.49 17.72 -13.66
N THR B 318 -13.63 17.63 -14.33
CA THR B 318 -13.94 18.53 -15.43
C THR B 318 -14.01 19.99 -14.97
N LEU B 319 -14.70 20.22 -13.85
CA LEU B 319 -14.79 21.56 -13.28
C LEU B 319 -13.43 22.04 -12.79
N LEU B 320 -12.68 21.14 -12.15
CA LEU B 320 -11.38 21.46 -11.60
C LEU B 320 -10.42 21.97 -12.67
N TYR B 321 -10.37 21.29 -13.81
CA TYR B 321 -9.52 21.73 -14.91
C TYR B 321 -10.07 22.99 -15.55
N GLN B 322 -11.40 23.10 -15.60
CA GLN B 322 -12.04 24.26 -16.19
C GLN B 322 -11.66 25.54 -15.45
N LYS B 323 -11.45 25.41 -14.14
CA LYS B 323 -11.13 26.57 -13.30
C LYS B 323 -9.64 26.80 -13.15
N ARG B 324 -8.83 25.76 -13.36
CA ARG B 324 -7.40 25.86 -13.07
C ARG B 324 -6.49 25.58 -14.26
N HIS B 325 -7.02 24.89 -15.28
CA HIS B 325 -6.24 24.50 -16.46
C HIS B 325 -4.96 23.75 -16.06
N ASP B 326 -5.05 22.94 -15.01
CA ASP B 326 -3.89 22.22 -14.49
C ASP B 326 -4.21 20.73 -14.37
N LEU B 327 -3.75 19.94 -15.34
CA LEU B 327 -4.05 18.52 -15.38
C LEU B 327 -3.34 17.76 -14.27
N ILE B 328 -2.16 18.25 -13.87
CA ILE B 328 -1.41 17.66 -12.76
C ILE B 328 -2.19 17.81 -11.46
N LEU B 329 -2.82 18.98 -11.28
CA LEU B 329 -3.65 19.22 -10.11
C LEU B 329 -4.82 18.24 -10.07
N VAL B 330 -5.42 17.99 -11.23
CA VAL B 330 -6.47 16.99 -11.35
C VAL B 330 -5.92 15.61 -11.00
N GLN B 331 -4.72 15.35 -11.49
CA GLN B 331 -4.03 14.08 -11.26
C GLN B 331 -3.80 13.86 -9.76
N GLU B 332 -3.50 14.93 -9.05
CA GLU B 332 -3.27 14.85 -7.61
C GLU B 332 -4.56 14.62 -6.83
N ALA B 333 -5.62 15.33 -7.23
CA ALA B 333 -6.90 15.25 -6.53
C ALA B 333 -7.58 13.89 -6.74
N LEU B 334 -7.37 13.30 -7.91
CA LEU B 334 -8.02 12.04 -8.26
C LEU B 334 -7.17 10.84 -7.86
N GLY B 335 -5.88 11.06 -7.68
CA GLY B 335 -4.96 10.00 -7.31
C GLY B 335 -4.53 9.17 -8.51
N HIS B 336 -3.99 9.84 -9.51
CA HIS B 336 -3.53 9.15 -10.72
C HIS B 336 -2.02 9.27 -10.87
N ALA B 337 -1.45 8.48 -11.79
CA ALA B 337 -0.01 8.46 -12.00
C ALA B 337 0.37 9.18 -13.29
N SER B 338 -0.58 9.32 -14.20
CA SER B 338 -0.31 9.91 -15.50
C SER B 338 -1.41 10.89 -15.93
N LEU B 339 -1.06 11.77 -16.87
CA LEU B 339 -2.00 12.75 -17.38
C LEU B 339 -3.10 12.09 -18.21
N ASN B 340 -2.74 11.00 -18.89
CA ASN B 340 -3.69 10.29 -19.76
C ASN B 340 -4.88 9.75 -18.98
N THR B 341 -4.63 9.22 -17.79
CA THR B 341 -5.69 8.64 -16.97
C THR B 341 -6.63 9.71 -16.42
N SER B 342 -6.07 10.87 -16.08
CA SER B 342 -6.87 11.98 -15.58
C SER B 342 -7.70 12.60 -16.69
N ARG B 343 -7.19 12.51 -17.92
CA ARG B 343 -7.87 13.05 -19.08
C ARG B 343 -9.21 12.35 -19.30
N ILE B 344 -9.30 11.10 -18.86
CA ILE B 344 -10.53 10.31 -18.95
C ILE B 344 -11.67 11.02 -18.22
N TYR B 345 -11.35 11.63 -17.09
CA TYR B 345 -12.34 12.31 -16.26
C TYR B 345 -12.52 13.77 -16.67
N THR B 346 -11.56 14.29 -17.43
CA THR B 346 -11.58 15.71 -17.81
C THR B 346 -12.18 15.89 -19.19
N HIS B 347 -13.42 16.37 -19.23
CA HIS B 347 -14.15 16.50 -20.48
C HIS B 347 -14.07 17.91 -21.04
N PHE B 348 -13.91 18.00 -22.37
CA PHE B 348 -13.70 19.26 -23.05
C PHE B 348 -14.93 19.67 -23.85
N ASP B 349 -15.46 20.86 -23.55
CA ASP B 349 -16.60 21.39 -24.31
C ASP B 349 -16.12 21.90 -25.67
N LYS B 350 -16.73 21.37 -26.73
CA LYS B 350 -16.30 21.65 -28.10
C LYS B 350 -16.36 23.14 -28.45
N GLN B 351 -17.21 23.89 -27.75
CA GLN B 351 -17.35 25.32 -28.00
C GLN B 351 -16.09 26.09 -27.62
N ARG B 352 -15.27 25.51 -26.75
CA ARG B 352 -14.04 26.15 -26.29
C ARG B 352 -12.98 26.23 -27.38
N LEU B 353 -13.27 25.67 -28.55
CA LEU B 353 -12.36 25.74 -29.68
C LEU B 353 -12.18 27.18 -30.17
N GLU B 354 -13.15 28.03 -29.85
CA GLU B 354 -13.09 29.43 -30.26
C GLU B 354 -12.07 30.19 -29.41
N GLU B 355 -11.66 29.58 -28.30
CA GLU B 355 -10.56 30.12 -27.50
C GLU B 355 -9.24 29.88 -28.23
N ALA B 356 -9.23 28.87 -29.09
CA ALA B 356 -8.05 28.58 -29.91
C ALA B 356 -8.05 29.45 -31.17
N ALA B 357 -9.24 29.75 -31.67
CA ALA B 357 -9.37 30.53 -32.90
C ALA B 357 -9.10 32.01 -32.68
N SER B 358 -9.13 32.44 -31.41
CA SER B 358 -9.00 33.85 -31.08
C SER B 358 -7.58 34.25 -30.69
N ILE B 359 -6.64 33.33 -30.81
CA ILE B 359 -5.25 33.60 -30.41
C ILE B 359 -4.58 34.55 -31.39
N TRP B 360 -5.16 34.72 -32.57
CA TRP B 360 -4.58 35.57 -33.60
C TRP B 360 -4.95 37.04 -33.40
N GLU B 361 -6.05 37.28 -32.70
CA GLU B 361 -6.58 38.63 -32.53
C GLU B 361 -5.86 39.40 -31.42
N GLU B 362 -5.22 38.68 -30.51
CA GLU B 362 -4.54 39.31 -29.39
C GLU B 362 -3.27 40.04 -29.84
#